data_6UNW
#
_entry.id   6UNW
#
_cell.length_a   106.733
_cell.length_b   106.733
_cell.length_c   233.039
_cell.angle_alpha   90.000
_cell.angle_beta   90.000
_cell.angle_gamma   90.000
#
_symmetry.space_group_name_H-M   'P 41 2 2'
#
loop_
_entity.id
_entity.type
_entity.pdbx_description
1 polymer 'Soluble epoxide hydrolase'
2 non-polymer 'CACODYLATE ION'
3 non-polymer 'CHLORIDE ION'
4 water water
#
_entity_poly.entity_id   1
_entity_poly.type   'polypeptide(L)'
_entity_poly.pdbx_seq_one_letter_code
;VPQPPTDDPTTPAEKGAVHRLVDTPGGRIHLVEQGTGPLVLLVHGFPESWYSWRHQLPALAAAGYRAAAIDVRGYGRSAK
PAATDAYRMLAHVADNTAVVHALGEETATVVGHDWGSPIAANSALLRPDVFTAVGLLSVPYAPRGEHRPTDGFARIGGDE
EFYVSYFQAPGRAEAEIERDVRGWLAGFYTGLTGGALTPEEHGRLFFVPPGAHLADRFPTGPLPAWLTEADLDVYSGEFE
RSGLTGALNRYRNVDRDWEDLAAWHGAPITQPSLFIGGALDASTTWMADALDAYPATLPGLSAAHILEGCGHWIQQERPD
EVNRLLTQWLDGLRNSSSVDKLAAALEHHHHHH
;
_entity_poly.pdbx_strand_id   A,B,C
#
# COMPACT_ATOMS: atom_id res chain seq x y z
N GLU A 14 20.10 -24.93 9.81
CA GLU A 14 19.31 -25.50 10.89
C GLU A 14 20.10 -25.54 12.21
N LYS A 15 20.77 -26.66 12.43
CA LYS A 15 21.35 -27.01 13.72
C LYS A 15 22.76 -27.55 13.50
N GLY A 16 23.75 -26.90 14.10
CA GLY A 16 25.14 -27.03 13.72
C GLY A 16 25.52 -25.78 12.95
N ALA A 17 24.60 -25.39 12.07
CA ALA A 17 24.74 -24.14 11.35
C ALA A 17 24.36 -23.01 12.28
N VAL A 18 24.99 -21.86 12.08
CA VAL A 18 24.83 -20.71 12.97
C VAL A 18 24.52 -19.45 12.14
N HIS A 19 23.56 -18.66 12.62
CA HIS A 19 23.24 -17.40 11.97
C HIS A 19 24.22 -16.33 12.39
N ARG A 20 24.60 -15.47 11.44
CA ARG A 20 25.46 -14.33 11.72
C ARG A 20 24.92 -13.13 10.97
N LEU A 21 25.21 -11.94 11.52
CA LEU A 21 24.94 -10.66 10.87
C LEU A 21 26.28 -9.98 10.76
N VAL A 22 26.68 -9.60 9.54
CA VAL A 22 27.97 -8.97 9.38
C VAL A 22 27.79 -7.61 8.72
N ASP A 23 28.73 -6.73 9.02
CA ASP A 23 28.68 -5.39 8.48
C ASP A 23 29.47 -5.34 7.19
N THR A 24 28.92 -4.66 6.19
CA THR A 24 29.53 -4.46 4.88
C THR A 24 29.36 -3.00 4.52
N PRO A 25 30.06 -2.52 3.49
CA PRO A 25 29.87 -1.12 3.09
C PRO A 25 28.42 -0.81 2.76
N GLY A 26 27.66 -1.74 2.18
CA GLY A 26 26.26 -1.44 1.91
C GLY A 26 25.32 -1.67 3.07
N GLY A 27 25.82 -2.22 4.16
CA GLY A 27 25.02 -2.45 5.33
C GLY A 27 25.08 -3.88 5.79
N ARG A 28 23.97 -4.38 6.27
CA ARG A 28 23.96 -5.64 6.97
C ARG A 28 23.79 -6.78 5.98
N ILE A 29 24.60 -7.82 6.16
CA ILE A 29 24.45 -9.08 5.43
C ILE A 29 24.20 -10.18 6.47
N HIS A 30 23.12 -10.90 6.28
CA HIS A 30 22.80 -12.06 7.09
C HIS A 30 23.29 -13.31 6.39
N LEU A 31 23.78 -14.28 7.17
CA LEU A 31 24.24 -15.54 6.60
C LEU A 31 24.13 -16.64 7.63
N VAL A 32 24.16 -17.86 7.14
CA VAL A 32 24.18 -19.04 7.97
C VAL A 32 25.43 -19.80 7.59
N GLU A 33 26.28 -20.08 8.57
CA GLU A 33 27.52 -20.77 8.28
C GLU A 33 27.57 -22.09 9.02
N GLN A 34 28.32 -23.03 8.45
CA GLN A 34 28.50 -24.32 9.08
C GLN A 34 29.84 -24.90 8.65
N GLY A 35 30.56 -25.45 9.62
CA GLY A 35 31.81 -26.13 9.35
C GLY A 35 33.02 -25.29 9.70
N THR A 36 34.16 -25.94 9.52
CA THR A 36 35.51 -25.45 9.79
C THR A 36 36.37 -25.80 8.59
N GLY A 37 37.27 -24.90 8.22
CA GLY A 37 38.17 -25.13 7.12
C GLY A 37 38.08 -23.95 6.17
N PRO A 38 38.51 -24.17 4.92
CA PRO A 38 38.46 -23.08 3.94
C PRO A 38 37.04 -22.56 3.72
N LEU A 39 36.94 -21.26 3.44
CA LEU A 39 35.63 -20.62 3.30
C LEU A 39 35.03 -20.90 1.94
N VAL A 40 33.80 -21.40 1.94
CA VAL A 40 33.03 -21.60 0.73
C VAL A 40 31.78 -20.72 0.84
N LEU A 41 31.77 -19.60 0.12
CA LEU A 41 30.67 -18.65 0.13
C LEU A 41 29.61 -19.06 -0.90
N LEU A 42 28.39 -19.29 -0.43
CA LEU A 42 27.27 -19.72 -1.28
C LEU A 42 26.30 -18.56 -1.50
N VAL A 43 25.92 -18.35 -2.77
CA VAL A 43 25.12 -17.19 -3.20
C VAL A 43 23.90 -17.72 -3.94
N HIS A 44 22.72 -17.53 -3.34
CA HIS A 44 21.45 -18.03 -3.85
C HIS A 44 20.94 -17.18 -5.00
N GLY A 45 19.91 -17.70 -5.66
CA GLY A 45 19.30 -17.00 -6.79
C GLY A 45 17.93 -16.42 -6.48
N PHE A 46 17.09 -16.27 -7.52
CA PHE A 46 15.76 -15.66 -7.51
C PHE A 46 14.66 -16.69 -7.72
N PRO A 47 13.58 -16.64 -6.95
CA PRO A 47 13.45 -15.80 -5.77
C PRO A 47 13.71 -16.71 -4.60
N GLU A 48 14.95 -16.76 -4.14
CA GLU A 48 15.32 -17.75 -3.13
C GLU A 48 15.84 -17.15 -1.84
N SER A 49 16.80 -17.83 -1.22
CA SER A 49 17.16 -17.54 0.15
C SER A 49 18.46 -18.26 0.49
N TRP A 50 19.09 -17.85 1.59
CA TRP A 50 20.16 -18.68 2.13
C TRP A 50 19.70 -20.11 2.31
N TYR A 51 18.40 -20.29 2.61
CA TYR A 51 17.82 -21.58 2.93
C TYR A 51 17.86 -22.55 1.76
N SER A 52 18.14 -22.08 0.55
CA SER A 52 18.29 -22.98 -0.59
C SER A 52 19.52 -23.86 -0.48
N TRP A 53 20.49 -23.51 0.37
CA TRP A 53 21.73 -24.25 0.53
C TRP A 53 21.70 -25.16 1.74
N ARG A 54 20.52 -25.35 2.35
CA ARG A 54 20.43 -26.13 3.58
C ARG A 54 21.03 -27.51 3.44
N HIS A 55 20.92 -28.12 2.26
CA HIS A 55 21.51 -29.43 2.05
C HIS A 55 23.01 -29.37 1.84
N GLN A 56 23.55 -28.24 1.41
CA GLN A 56 24.98 -28.12 1.15
C GLN A 56 25.75 -27.77 2.40
N LEU A 57 25.09 -27.09 3.35
CA LEU A 57 25.76 -26.64 4.56
C LEU A 57 26.33 -27.79 5.38
N PRO A 58 25.58 -28.83 5.76
CA PRO A 58 26.22 -29.93 6.48
C PRO A 58 27.16 -30.78 5.62
N ALA A 59 26.87 -30.95 4.32
CA ALA A 59 27.78 -31.76 3.50
C ALA A 59 29.14 -31.11 3.37
N LEU A 60 29.18 -29.80 3.08
CA LEU A 60 30.44 -29.07 3.02
C LEU A 60 31.13 -29.04 4.39
N ALA A 61 30.35 -28.87 5.45
CA ALA A 61 30.95 -28.90 6.78
C ALA A 61 31.55 -30.26 7.06
N ALA A 62 30.83 -31.34 6.71
CA ALA A 62 31.36 -32.67 6.96
C ALA A 62 32.58 -32.97 6.12
N ALA A 63 32.68 -32.33 4.96
CA ALA A 63 33.79 -32.58 4.04
C ALA A 63 35.02 -31.73 4.36
N GLY A 64 34.99 -30.95 5.42
CA GLY A 64 36.13 -30.16 5.84
C GLY A 64 36.11 -28.69 5.44
N TYR A 65 34.94 -28.12 5.17
CA TYR A 65 34.83 -26.75 4.71
C TYR A 65 33.92 -25.94 5.62
N ARG A 66 34.19 -24.65 5.66
CA ARG A 66 33.35 -23.66 6.31
C ARG A 66 32.47 -23.06 5.23
N ALA A 67 31.22 -23.50 5.19
CA ALA A 67 30.25 -23.03 4.21
C ALA A 67 29.49 -21.87 4.83
N ALA A 68 29.32 -20.79 4.08
CA ALA A 68 28.54 -19.64 4.53
C ALA A 68 27.56 -19.28 3.43
N ALA A 69 26.28 -19.41 3.71
CA ALA A 69 25.22 -19.08 2.76
C ALA A 69 24.65 -17.73 3.16
N ILE A 70 24.79 -16.74 2.28
CA ILE A 70 24.27 -15.42 2.60
C ILE A 70 22.81 -15.35 2.16
N ASP A 71 22.12 -14.33 2.70
CA ASP A 71 20.97 -13.75 2.04
C ASP A 71 21.54 -12.64 1.15
N VAL A 72 21.25 -12.69 -0.16
CA VAL A 72 21.73 -11.65 -1.06
C VAL A 72 21.10 -10.30 -0.69
N ARG A 73 21.82 -9.19 -0.94
CA ARG A 73 21.26 -7.84 -0.78
C ARG A 73 19.85 -7.77 -1.36
N GLY A 74 18.90 -7.27 -0.56
CA GLY A 74 17.50 -7.29 -0.97
C GLY A 74 16.70 -8.47 -0.47
N TYR A 75 17.34 -9.48 0.10
CA TYR A 75 16.66 -10.70 0.49
C TYR A 75 16.74 -10.94 1.99
N GLY A 76 15.75 -11.67 2.51
CA GLY A 76 15.71 -12.18 3.87
C GLY A 76 16.13 -11.19 4.92
N ARG A 77 17.16 -11.48 5.70
CA ARG A 77 17.56 -10.58 6.78
C ARG A 77 18.70 -9.66 6.39
N SER A 78 19.09 -9.66 5.12
CA SER A 78 20.13 -8.74 4.68
C SER A 78 19.52 -7.37 4.40
N ALA A 79 20.40 -6.36 4.33
CA ALA A 79 20.01 -5.00 4.03
C ALA A 79 19.31 -4.92 2.69
N LYS A 80 18.35 -4.00 2.58
CA LYS A 80 17.58 -3.79 1.37
C LYS A 80 17.53 -2.30 1.11
N PRO A 81 18.58 -1.73 0.53
CA PRO A 81 18.56 -0.30 0.25
C PRO A 81 17.40 0.05 -0.67
N ALA A 82 16.97 1.31 -0.59
CA ALA A 82 15.82 1.79 -1.35
C ALA A 82 16.17 2.01 -2.82
N ALA A 83 17.31 2.63 -3.11
CA ALA A 83 17.62 2.96 -4.50
C ALA A 83 17.79 1.68 -5.33
N THR A 84 17.23 1.70 -6.54
CA THR A 84 17.35 0.54 -7.43
C THR A 84 18.80 0.24 -7.77
N ASP A 85 19.60 1.26 -8.07
CA ASP A 85 20.98 1.00 -8.43
C ASP A 85 21.83 0.54 -7.26
N ALA A 86 21.24 0.45 -6.07
CA ALA A 86 22.01 -0.11 -4.98
C ALA A 86 22.15 -1.62 -5.11
N TYR A 87 21.50 -2.21 -6.11
CA TYR A 87 21.56 -3.63 -6.43
C TYR A 87 22.39 -3.88 -7.69
N ARG A 88 23.25 -2.93 -8.04
CA ARG A 88 24.14 -3.18 -9.16
C ARG A 88 25.20 -4.22 -8.80
N MET A 89 25.72 -4.88 -9.84
CA MET A 89 26.67 -5.98 -9.64
C MET A 89 27.80 -5.60 -8.70
N LEU A 90 28.34 -4.38 -8.84
CA LEU A 90 29.45 -3.98 -7.98
C LEU A 90 29.08 -3.95 -6.52
N ALA A 91 27.81 -3.75 -6.21
CA ALA A 91 27.39 -3.80 -4.81
C ALA A 91 27.40 -5.24 -4.31
N HIS A 92 26.90 -6.19 -5.12
CA HIS A 92 26.92 -7.58 -4.66
C HIS A 92 28.35 -8.04 -4.46
N VAL A 93 29.27 -7.63 -5.33
CA VAL A 93 30.64 -8.07 -5.24
C VAL A 93 31.30 -7.48 -4.00
N ALA A 94 30.99 -6.21 -3.69
CA ALA A 94 31.45 -5.62 -2.44
C ALA A 94 30.84 -6.34 -1.24
N ASP A 95 29.57 -6.77 -1.36
CA ASP A 95 28.97 -7.54 -0.26
C ASP A 95 29.76 -8.80 0.00
N ASN A 96 30.11 -9.55 -1.06
CA ASN A 96 30.83 -10.80 -0.88
C ASN A 96 32.24 -10.55 -0.30
N THR A 97 32.93 -9.54 -0.82
CA THR A 97 34.28 -9.25 -0.32
C THR A 97 34.27 -8.92 1.16
N ALA A 98 33.31 -8.07 1.59
CA ALA A 98 33.26 -7.69 2.99
C ALA A 98 32.86 -8.86 3.87
N VAL A 99 32.11 -9.82 3.33
CA VAL A 99 31.72 -10.98 4.13
C VAL A 99 32.94 -11.88 4.37
N VAL A 100 33.75 -12.09 3.33
CA VAL A 100 34.96 -12.89 3.51
C VAL A 100 35.83 -12.26 4.59
N HIS A 101 36.05 -10.93 4.49
CA HIS A 101 36.86 -10.23 5.48
C HIS A 101 36.22 -10.28 6.87
N ALA A 102 34.89 -10.04 6.95
CA ALA A 102 34.21 -10.09 8.24
C ALA A 102 34.24 -11.47 8.89
N LEU A 103 34.40 -12.54 8.10
CA LEU A 103 34.49 -13.88 8.67
C LEU A 103 35.91 -14.22 9.04
N GLY A 104 36.83 -13.25 8.98
CA GLY A 104 38.20 -13.50 9.36
C GLY A 104 39.03 -14.15 8.30
N GLU A 105 38.58 -14.16 7.05
CA GLU A 105 39.33 -14.82 6.00
C GLU A 105 39.89 -13.81 5.00
N GLU A 106 40.87 -14.24 4.25
CA GLU A 106 41.45 -13.44 3.19
C GLU A 106 41.04 -13.93 1.80
N THR A 107 40.77 -15.22 1.66
CA THR A 107 40.31 -15.77 0.41
C THR A 107 39.12 -16.69 0.67
N ALA A 108 38.46 -17.09 -0.42
CA ALA A 108 37.29 -17.94 -0.32
C ALA A 108 37.01 -18.53 -1.69
N THR A 109 36.28 -19.64 -1.70
CA THR A 109 35.67 -20.15 -2.92
C THR A 109 34.24 -19.62 -2.91
N VAL A 110 33.81 -19.03 -4.00
CA VAL A 110 32.46 -18.50 -4.10
C VAL A 110 31.66 -19.40 -5.04
N VAL A 111 30.49 -19.82 -4.61
CA VAL A 111 29.62 -20.66 -5.41
C VAL A 111 28.26 -19.99 -5.51
N GLY A 112 27.78 -19.80 -6.72
CA GLY A 112 26.55 -19.08 -6.96
C GLY A 112 25.60 -19.83 -7.87
N HIS A 113 24.31 -19.70 -7.56
CA HIS A 113 23.23 -20.33 -8.30
C HIS A 113 22.31 -19.25 -8.85
N ASP A 114 21.86 -19.45 -10.08
CA ASP A 114 20.91 -18.55 -10.75
C ASP A 114 21.48 -17.14 -10.71
N TRP A 115 20.79 -16.14 -10.18
CA TRP A 115 21.43 -14.83 -10.16
C TRP A 115 22.69 -14.81 -9.29
N GLY A 116 22.81 -15.70 -8.32
CA GLY A 116 24.06 -15.83 -7.59
C GLY A 116 25.22 -16.27 -8.47
N SER A 117 24.92 -16.89 -9.61
CA SER A 117 26.00 -17.29 -10.50
C SER A 117 26.67 -16.09 -11.14
N PRO A 118 25.98 -15.16 -11.80
CA PRO A 118 26.69 -13.97 -12.24
C PRO A 118 27.31 -13.19 -11.09
N ILE A 119 26.67 -13.22 -9.92
CA ILE A 119 27.27 -12.55 -8.77
C ILE A 119 28.57 -13.23 -8.40
N ALA A 120 28.59 -14.57 -8.39
CA ALA A 120 29.80 -15.29 -8.06
C ALA A 120 30.89 -15.13 -9.12
N ALA A 121 30.52 -15.23 -10.40
CA ALA A 121 31.49 -15.04 -11.47
C ALA A 121 32.12 -13.65 -11.42
N ASN A 122 31.29 -12.62 -11.25
CA ASN A 122 31.84 -11.28 -11.23
C ASN A 122 32.63 -11.04 -9.96
N SER A 123 32.26 -11.70 -8.87
CA SER A 123 33.11 -11.64 -7.69
C SER A 123 34.48 -12.19 -8.01
N ALA A 124 34.53 -13.34 -8.71
CA ALA A 124 35.81 -13.95 -9.06
C ALA A 124 36.54 -13.11 -10.10
N LEU A 125 35.80 -12.46 -11.00
CA LEU A 125 36.41 -11.67 -12.06
C LEU A 125 37.01 -10.38 -11.52
N LEU A 126 36.30 -9.68 -10.63
CA LEU A 126 36.77 -8.38 -10.19
C LEU A 126 37.76 -8.46 -9.03
N ARG A 127 37.64 -9.47 -8.16
CA ARG A 127 38.52 -9.65 -7.01
C ARG A 127 39.11 -11.05 -7.04
N PRO A 128 39.96 -11.37 -8.03
CA PRO A 128 40.52 -12.73 -8.10
C PRO A 128 41.48 -13.06 -6.96
N ASP A 129 42.03 -12.05 -6.29
CA ASP A 129 42.92 -12.30 -5.17
C ASP A 129 42.14 -12.70 -3.93
N VAL A 130 40.86 -12.42 -3.88
CA VAL A 130 40.00 -12.85 -2.80
C VAL A 130 39.30 -14.15 -3.15
N PHE A 131 38.62 -14.17 -4.28
CA PHE A 131 37.82 -15.33 -4.70
C PHE A 131 38.67 -16.16 -5.64
N THR A 132 39.31 -17.17 -5.08
CA THR A 132 40.37 -17.90 -5.75
C THR A 132 39.89 -19.10 -6.54
N ALA A 133 38.60 -19.44 -6.42
CA ALA A 133 37.91 -20.46 -7.20
C ALA A 133 36.45 -20.08 -7.19
N VAL A 134 35.72 -20.49 -8.22
CA VAL A 134 34.33 -20.07 -8.38
C VAL A 134 33.49 -21.22 -8.92
N GLY A 135 32.37 -21.49 -8.28
CA GLY A 135 31.40 -22.46 -8.75
C GLY A 135 30.17 -21.73 -9.27
N LEU A 136 29.65 -22.20 -10.39
CA LEU A 136 28.47 -21.60 -11.03
C LEU A 136 27.43 -22.69 -11.27
N LEU A 137 26.23 -22.47 -10.78
CA LEU A 137 25.17 -23.44 -10.99
C LEU A 137 24.09 -22.80 -11.86
N SER A 138 23.51 -23.61 -12.75
CA SER A 138 22.36 -23.24 -13.57
C SER A 138 22.61 -22.17 -14.61
N VAL A 139 23.22 -21.06 -14.23
CA VAL A 139 23.44 -19.96 -15.17
C VAL A 139 24.92 -19.95 -15.55
N PRO A 140 25.27 -20.19 -16.83
CA PRO A 140 26.68 -20.13 -17.24
C PRO A 140 27.24 -18.73 -17.16
N TYR A 141 28.57 -18.67 -17.19
CA TYR A 141 29.28 -17.40 -17.25
C TYR A 141 29.22 -16.84 -18.65
N ALA A 142 28.79 -15.59 -18.77
CA ALA A 142 28.79 -14.88 -20.03
C ALA A 142 29.52 -13.58 -19.78
N PRO A 143 30.63 -13.31 -20.47
CA PRO A 143 31.35 -12.05 -20.27
C PRO A 143 30.49 -10.86 -20.63
N ARG A 144 30.84 -9.71 -20.05
CA ARG A 144 30.15 -8.48 -20.42
C ARG A 144 30.21 -8.30 -21.92
N GLY A 145 29.05 -8.09 -22.54
CA GLY A 145 28.95 -8.03 -23.97
C GLY A 145 28.76 -6.63 -24.53
N GLU A 146 28.68 -6.57 -25.86
CA GLU A 146 28.65 -5.29 -26.54
C GLU A 146 27.28 -4.62 -26.49
N HIS A 147 26.19 -5.37 -26.44
CA HIS A 147 24.87 -4.80 -26.60
C HIS A 147 24.16 -4.57 -25.27
N ARG A 148 23.39 -3.50 -25.22
CA ARG A 148 22.61 -3.19 -24.04
C ARG A 148 21.61 -4.29 -23.75
N PRO A 149 21.65 -4.90 -22.57
CA PRO A 149 20.75 -6.02 -22.26
C PRO A 149 19.26 -5.76 -22.47
N THR A 150 18.70 -4.62 -22.02
CA THR A 150 17.28 -4.39 -22.21
C THR A 150 16.89 -4.27 -23.68
N ASP A 151 17.76 -3.71 -24.52
CA ASP A 151 17.44 -3.73 -25.96
C ASP A 151 17.39 -5.15 -26.44
N GLY A 152 18.21 -6.02 -25.85
CA GLY A 152 18.20 -7.42 -26.23
C GLY A 152 16.98 -8.16 -25.73
N PHE A 153 16.70 -8.05 -24.42
CA PHE A 153 15.52 -8.71 -23.87
C PHE A 153 14.28 -8.26 -24.64
N ALA A 154 14.34 -7.08 -25.26
CA ALA A 154 13.19 -6.58 -26.00
C ALA A 154 13.01 -7.20 -27.40
N ARG A 155 14.04 -7.70 -28.06
CA ARG A 155 13.83 -8.41 -29.35
C ARG A 155 12.99 -9.64 -29.12
N ILE A 156 13.27 -10.28 -27.98
CA ILE A 156 12.74 -11.59 -27.69
C ILE A 156 11.23 -11.51 -27.59
N GLY A 157 10.56 -12.58 -28.07
CA GLY A 157 9.15 -12.75 -27.90
C GLY A 157 8.23 -12.27 -29.01
N GLY A 158 8.57 -11.20 -29.73
CA GLY A 158 7.70 -10.70 -30.79
C GLY A 158 6.60 -9.82 -30.23
N ASP A 159 5.36 -10.25 -30.47
CA ASP A 159 4.25 -10.29 -29.49
C ASP A 159 4.61 -10.31 -27.99
N GLU A 160 4.98 -11.45 -27.42
CA GLU A 160 4.97 -11.59 -25.96
C GLU A 160 6.20 -10.97 -25.36
N GLU A 161 6.06 -10.59 -24.10
CA GLU A 161 7.10 -9.85 -23.42
C GLU A 161 7.96 -10.85 -22.66
N PHE A 162 9.26 -10.82 -22.93
CA PHE A 162 10.18 -11.65 -22.17
C PHE A 162 10.12 -11.22 -20.71
N TYR A 163 10.05 -12.20 -19.81
CA TYR A 163 9.83 -11.90 -18.40
C TYR A 163 10.88 -10.96 -17.85
N VAL A 164 12.09 -10.97 -18.40
CA VAL A 164 13.10 -10.04 -17.92
C VAL A 164 12.70 -8.60 -18.25
N SER A 165 12.06 -8.40 -19.41
CA SER A 165 11.52 -7.07 -19.74
C SER A 165 10.32 -6.75 -18.87
N TYR A 166 9.48 -7.75 -18.63
CA TYR A 166 8.33 -7.59 -17.74
C TYR A 166 8.78 -7.18 -16.36
N PHE A 167 9.98 -7.60 -15.95
CA PHE A 167 10.46 -7.29 -14.62
C PHE A 167 11.02 -5.88 -14.48
N GLN A 168 11.22 -5.13 -15.58
CA GLN A 168 11.94 -3.87 -15.49
C GLN A 168 11.12 -2.78 -14.80
N ALA A 169 9.84 -2.66 -15.10
CA ALA A 169 9.07 -1.50 -14.62
C ALA A 169 8.80 -1.60 -13.13
N PRO A 170 9.26 -0.65 -12.32
CA PRO A 170 9.09 -0.78 -10.87
C PRO A 170 7.62 -0.91 -10.47
N GLY A 171 7.35 -1.83 -9.55
CA GLY A 171 6.01 -2.04 -9.05
C GLY A 171 5.17 -2.94 -9.91
N ARG A 172 5.59 -3.17 -11.15
CA ARG A 172 4.79 -3.97 -12.08
C ARG A 172 4.73 -5.44 -11.68
N ALA A 173 5.88 -6.12 -11.70
CA ALA A 173 5.89 -7.52 -11.25
C ALA A 173 5.52 -7.66 -9.78
N GLU A 174 5.84 -6.65 -8.96
CA GLU A 174 5.47 -6.69 -7.54
C GLU A 174 3.97 -6.80 -7.37
N ALA A 175 3.22 -5.99 -8.13
CA ALA A 175 1.77 -6.01 -8.03
C ALA A 175 1.25 -7.38 -8.38
N GLU A 176 1.81 -7.98 -9.43
CA GLU A 176 1.41 -9.34 -9.79
C GLU A 176 1.73 -10.31 -8.67
N ILE A 177 2.95 -10.26 -8.14
CA ILE A 177 3.36 -11.26 -7.15
C ILE A 177 2.60 -11.06 -5.85
N GLU A 178 2.39 -9.81 -5.45
CA GLU A 178 1.77 -9.52 -4.16
C GLU A 178 0.31 -9.95 -4.09
N ARG A 179 -0.31 -10.22 -5.25
CA ARG A 179 -1.67 -10.72 -5.25
C ARG A 179 -1.78 -11.95 -4.37
N ASP A 180 -0.72 -12.76 -4.32
CA ASP A 180 -0.66 -13.98 -3.53
C ASP A 180 0.78 -14.49 -3.56
N VAL A 181 1.62 -13.95 -2.67
CA VAL A 181 3.04 -14.28 -2.69
C VAL A 181 3.26 -15.79 -2.60
N ARG A 182 2.65 -16.44 -1.61
CA ARG A 182 2.83 -17.88 -1.46
C ARG A 182 2.44 -18.63 -2.75
N GLY A 183 1.28 -18.30 -3.32
CA GLY A 183 0.85 -18.96 -4.55
C GLY A 183 1.83 -18.74 -5.69
N TRP A 184 2.31 -17.50 -5.85
CA TRP A 184 3.24 -17.17 -6.93
C TRP A 184 4.55 -17.94 -6.80
N LEU A 185 5.13 -17.97 -5.59
CA LEU A 185 6.33 -18.77 -5.37
C LEU A 185 6.04 -20.24 -5.66
N ALA A 186 4.93 -20.75 -5.12
CA ALA A 186 4.58 -22.16 -5.33
C ALA A 186 4.54 -22.50 -6.81
N GLY A 187 3.89 -21.65 -7.61
CA GLY A 187 3.82 -21.89 -9.05
C GLY A 187 5.18 -21.83 -9.74
N PHE A 188 5.99 -20.85 -9.37
CA PHE A 188 7.32 -20.68 -9.96
C PHE A 188 8.24 -21.84 -9.57
N TYR A 189 8.29 -22.17 -8.28
CA TYR A 189 9.07 -23.31 -7.84
C TYR A 189 8.63 -24.58 -8.55
N THR A 190 7.31 -24.80 -8.60
CA THR A 190 6.79 -25.98 -9.27
C THR A 190 7.10 -25.92 -10.76
N GLY A 191 6.82 -24.78 -11.40
CA GLY A 191 6.92 -24.73 -12.85
C GLY A 191 8.29 -25.02 -13.43
N LEU A 192 9.35 -24.66 -12.71
CA LEU A 192 10.73 -24.82 -13.17
C LEU A 192 11.40 -26.06 -12.62
N THR A 193 10.64 -26.88 -11.90
CA THR A 193 11.18 -28.16 -11.45
C THR A 193 11.33 -29.09 -12.66
N GLY A 194 12.41 -29.85 -12.67
CA GLY A 194 12.68 -30.76 -13.76
C GLY A 194 11.52 -31.67 -14.03
N GLY A 195 10.97 -31.59 -15.24
CA GLY A 195 9.89 -32.48 -15.64
C GLY A 195 8.51 -32.03 -15.27
N ALA A 196 8.36 -30.86 -14.64
CA ALA A 196 7.03 -30.43 -14.22
C ALA A 196 6.19 -29.98 -15.41
N LEU A 197 6.81 -29.42 -16.44
CA LEU A 197 6.10 -28.97 -17.62
C LEU A 197 6.80 -29.52 -18.85
N THR A 198 6.02 -29.64 -19.93
CA THR A 198 6.60 -30.02 -21.20
C THR A 198 7.51 -28.89 -21.66
N PRO A 199 8.43 -29.19 -22.58
CA PRO A 199 9.38 -28.14 -23.01
C PRO A 199 8.63 -26.90 -23.50
N GLU A 200 7.35 -27.04 -23.74
CA GLU A 200 6.82 -26.19 -24.76
C GLU A 200 6.03 -25.16 -23.96
N GLU A 201 5.30 -25.69 -22.98
CA GLU A 201 4.73 -24.88 -21.93
C GLU A 201 5.83 -24.32 -21.02
N HIS A 202 6.87 -25.11 -20.70
CA HIS A 202 7.99 -24.57 -19.91
C HIS A 202 8.54 -23.30 -20.55
N GLY A 203 8.62 -23.28 -21.88
CA GLY A 203 9.10 -22.09 -22.57
C GLY A 203 8.11 -20.93 -22.57
N ARG A 204 6.82 -21.23 -22.80
CA ARG A 204 5.79 -20.19 -22.83
C ARG A 204 5.64 -19.52 -21.46
N LEU A 205 6.07 -20.20 -20.39
CA LEU A 205 6.05 -19.64 -19.05
C LEU A 205 6.89 -18.38 -18.92
N PHE A 206 7.94 -18.25 -19.73
CA PHE A 206 8.86 -17.12 -19.61
C PHE A 206 8.45 -15.93 -20.45
N PHE A 207 7.25 -15.97 -21.04
CA PHE A 207 6.72 -14.88 -21.84
C PHE A 207 5.35 -14.50 -21.30
N VAL A 208 5.08 -13.20 -21.29
CA VAL A 208 3.84 -12.66 -20.77
C VAL A 208 3.07 -12.00 -21.91
N PRO A 209 1.92 -12.53 -22.29
CA PRO A 209 1.10 -11.86 -23.29
C PRO A 209 0.65 -10.50 -22.77
N PRO A 210 0.47 -9.52 -23.66
CA PRO A 210 0.02 -8.20 -23.22
C PRO A 210 -1.24 -8.29 -22.37
N GLY A 211 -1.22 -7.59 -21.24
CA GLY A 211 -2.34 -7.58 -20.32
C GLY A 211 -2.39 -8.77 -19.38
N ALA A 212 -1.57 -9.78 -19.60
CA ALA A 212 -1.58 -11.00 -18.79
C ALA A 212 -0.60 -10.91 -17.63
N HIS A 213 -0.58 -11.96 -16.82
CA HIS A 213 0.36 -12.10 -15.73
C HIS A 213 1.31 -13.26 -15.98
N LEU A 214 2.54 -13.10 -15.52
CA LEU A 214 3.50 -14.18 -15.67
C LEU A 214 2.96 -15.47 -15.06
N ALA A 215 2.31 -15.36 -13.89
CA ALA A 215 1.78 -16.54 -13.20
C ALA A 215 0.57 -17.15 -13.90
N ASP A 216 0.02 -16.52 -14.93
CA ASP A 216 -1.09 -17.15 -15.62
C ASP A 216 -0.68 -18.47 -16.25
N ARG A 217 0.60 -18.66 -16.55
CA ARG A 217 1.11 -19.92 -17.09
C ARG A 217 1.84 -20.79 -16.04
N PHE A 218 1.70 -20.46 -14.77
CA PHE A 218 2.28 -21.30 -13.73
C PHE A 218 1.38 -22.49 -13.50
N PRO A 219 1.94 -23.66 -13.25
CA PRO A 219 1.10 -24.81 -12.89
C PRO A 219 0.55 -24.64 -11.48
N THR A 220 -0.56 -25.35 -11.21
CA THR A 220 -1.22 -25.24 -9.92
C THR A 220 -1.25 -26.53 -9.10
N GLY A 221 -0.65 -27.61 -9.57
CA GLY A 221 -0.71 -28.85 -8.84
C GLY A 221 0.07 -28.86 -7.53
N PRO A 222 0.41 -30.07 -7.08
CA PRO A 222 1.07 -30.21 -5.77
C PRO A 222 2.52 -29.73 -5.82
N LEU A 223 3.04 -29.39 -4.63
CA LEU A 223 4.41 -28.94 -4.56
C LEU A 223 5.34 -30.03 -5.09
N PRO A 224 6.46 -29.64 -5.69
CA PRO A 224 7.44 -30.63 -6.14
C PRO A 224 8.05 -31.31 -4.93
N ALA A 225 8.74 -32.42 -5.23
CA ALA A 225 9.25 -33.29 -4.17
C ALA A 225 10.31 -32.59 -3.32
N TRP A 226 11.04 -31.65 -3.91
CA TRP A 226 12.11 -30.96 -3.19
C TRP A 226 11.57 -29.89 -2.26
N LEU A 227 10.30 -29.54 -2.36
CA LEU A 227 9.70 -28.44 -1.60
C LEU A 227 8.56 -28.99 -0.75
N THR A 228 8.80 -29.14 0.55
CA THR A 228 7.71 -29.51 1.44
C THR A 228 6.85 -28.28 1.73
N GLU A 229 5.69 -28.49 2.36
CA GLU A 229 4.89 -27.33 2.76
C GLU A 229 5.66 -26.50 3.77
N ALA A 230 6.41 -27.16 4.65
CA ALA A 230 7.21 -26.42 5.62
C ALA A 230 8.34 -25.64 4.94
N ASP A 231 8.94 -26.17 3.86
CA ASP A 231 9.93 -25.40 3.11
C ASP A 231 9.28 -24.16 2.50
N LEU A 232 8.10 -24.33 1.90
CA LEU A 232 7.43 -23.19 1.29
C LEU A 232 7.04 -22.15 2.34
N ASP A 233 6.67 -22.60 3.54
CA ASP A 233 6.41 -21.67 4.64
C ASP A 233 7.64 -20.81 4.92
N VAL A 234 8.83 -21.41 4.87
CA VAL A 234 10.06 -20.62 5.05
C VAL A 234 10.21 -19.61 3.92
N TYR A 235 10.16 -20.07 2.67
CA TYR A 235 10.35 -19.14 1.56
C TYR A 235 9.29 -18.05 1.58
N SER A 236 8.02 -18.46 1.66
CA SER A 236 6.97 -17.44 1.65
C SER A 236 7.06 -16.56 2.88
N GLY A 237 7.46 -17.14 4.01
CA GLY A 237 7.67 -16.34 5.20
C GLY A 237 8.74 -15.27 5.01
N GLU A 238 9.73 -15.52 4.16
CA GLU A 238 10.71 -14.46 3.89
C GLU A 238 10.10 -13.38 3.03
N PHE A 239 9.50 -13.76 1.90
CA PHE A 239 9.08 -12.74 0.94
C PHE A 239 7.84 -11.99 1.39
N GLU A 240 7.01 -12.62 2.24
CA GLU A 240 5.90 -11.89 2.83
C GLU A 240 6.41 -10.78 3.74
N ARG A 241 7.65 -10.84 4.15
CA ARG A 241 8.26 -9.84 4.99
C ARG A 241 9.16 -8.90 4.21
N SER A 242 9.92 -9.45 3.27
CA SER A 242 10.88 -8.64 2.54
C SER A 242 10.23 -7.89 1.39
N GLY A 243 9.13 -8.42 0.85
CA GLY A 243 8.64 -7.91 -0.40
C GLY A 243 9.59 -8.39 -1.48
N LEU A 244 9.23 -8.08 -2.74
CA LEU A 244 9.94 -8.61 -3.89
C LEU A 244 10.82 -7.58 -4.59
N THR A 245 10.78 -6.33 -4.16
CA THR A 245 11.51 -5.29 -4.87
C THR A 245 13.01 -5.52 -4.82
N GLY A 246 13.53 -5.89 -3.66
CA GLY A 246 14.94 -6.16 -3.56
C GLY A 246 15.37 -7.27 -4.51
N ALA A 247 14.59 -8.35 -4.55
CA ALA A 247 14.90 -9.44 -5.47
C ALA A 247 14.81 -8.98 -6.92
N LEU A 248 13.73 -8.26 -7.27
CA LEU A 248 13.51 -7.82 -8.64
C LEU A 248 14.52 -6.74 -9.07
N ASN A 249 14.98 -5.90 -8.15
CA ASN A 249 15.93 -4.86 -8.51
C ASN A 249 17.21 -5.43 -9.11
N ARG A 250 17.53 -6.67 -8.76
CA ARG A 250 18.61 -7.37 -9.44
C ARG A 250 18.45 -7.32 -10.94
N TYR A 251 17.26 -7.68 -11.45
CA TYR A 251 17.00 -7.63 -12.89
C TYR A 251 17.02 -6.21 -13.42
N ARG A 252 16.68 -5.26 -12.57
CA ARG A 252 16.58 -3.87 -12.99
C ARG A 252 17.94 -3.19 -13.11
N ASN A 253 19.04 -3.92 -12.93
CA ASN A 253 20.38 -3.37 -13.07
C ASN A 253 21.16 -4.01 -14.21
N VAL A 254 20.52 -4.80 -15.07
CA VAL A 254 21.27 -5.47 -16.13
C VAL A 254 21.95 -4.44 -17.01
N ASP A 255 21.30 -3.31 -17.27
CA ASP A 255 21.92 -2.26 -18.07
C ASP A 255 23.03 -1.57 -17.30
N ARG A 256 22.76 -1.18 -16.06
CA ARG A 256 23.82 -0.56 -15.26
C ARG A 256 25.02 -1.48 -15.16
N ASP A 257 24.78 -2.79 -14.99
CA ASP A 257 25.89 -3.73 -14.87
C ASP A 257 26.68 -3.77 -16.17
N TRP A 258 25.98 -3.75 -17.29
CA TRP A 258 26.65 -3.75 -18.59
C TRP A 258 27.57 -2.54 -18.75
N GLU A 259 27.20 -1.39 -18.18
CA GLU A 259 28.12 -0.25 -18.17
C GLU A 259 29.27 -0.46 -17.19
N ASP A 260 28.96 -0.82 -15.94
CA ASP A 260 29.96 -0.94 -14.89
C ASP A 260 31.02 -1.98 -15.24
N LEU A 261 30.62 -3.07 -15.86
CA LEU A 261 31.54 -4.14 -16.21
C LEU A 261 32.19 -3.93 -17.55
N ALA A 262 32.03 -2.75 -18.15
CA ALA A 262 32.63 -2.53 -19.46
C ALA A 262 34.14 -2.65 -19.40
N ALA A 263 34.74 -2.37 -18.23
CA ALA A 263 36.19 -2.54 -18.18
C ALA A 263 36.60 -4.01 -18.23
N TRP A 264 35.64 -4.93 -18.06
CA TRP A 264 35.89 -6.36 -18.20
C TRP A 264 35.20 -6.94 -19.43
N HIS A 265 35.04 -6.11 -20.45
CA HIS A 265 34.41 -6.57 -21.68
C HIS A 265 35.13 -7.78 -22.21
N GLY A 266 34.37 -8.86 -22.45
CA GLY A 266 34.92 -10.08 -23.02
C GLY A 266 35.94 -10.80 -22.14
N ALA A 267 36.09 -10.40 -20.88
CA ALA A 267 37.18 -10.92 -20.06
C ALA A 267 36.89 -12.33 -19.55
N PRO A 268 37.91 -13.20 -19.53
CA PRO A 268 37.75 -14.55 -18.99
C PRO A 268 38.06 -14.61 -17.51
N ILE A 269 37.54 -15.67 -16.88
CA ILE A 269 37.86 -16.02 -15.50
C ILE A 269 38.88 -17.15 -15.56
N THR A 270 40.09 -16.89 -15.06
CA THR A 270 41.22 -17.81 -15.22
C THR A 270 41.39 -18.78 -14.06
N GLN A 271 40.99 -18.37 -12.86
CA GLN A 271 40.93 -19.16 -11.63
C GLN A 271 40.20 -20.46 -11.89
N PRO A 272 40.42 -21.49 -11.07
CA PRO A 272 39.64 -22.71 -11.23
C PRO A 272 38.16 -22.46 -11.10
N SER A 273 37.38 -23.08 -11.98
CA SER A 273 35.93 -22.92 -11.97
C SER A 273 35.24 -24.26 -12.16
N LEU A 274 33.97 -24.28 -11.79
CA LEU A 274 33.13 -25.46 -11.91
C LEU A 274 31.76 -25.00 -12.36
N PHE A 275 31.14 -25.73 -13.28
CA PHE A 275 29.79 -25.43 -13.67
C PHE A 275 28.94 -26.66 -13.47
N ILE A 276 27.78 -26.48 -12.85
CA ILE A 276 26.80 -27.55 -12.71
C ILE A 276 25.48 -26.99 -13.17
N GLY A 277 24.83 -27.66 -14.12
CA GLY A 277 23.56 -27.19 -14.62
C GLY A 277 22.58 -28.35 -14.74
N GLY A 278 21.31 -27.98 -14.86
CA GLY A 278 20.23 -28.96 -14.98
C GLY A 278 19.88 -29.13 -16.44
N ALA A 279 19.65 -30.38 -16.84
CA ALA A 279 19.34 -30.69 -18.23
C ALA A 279 18.00 -30.10 -18.66
N LEU A 280 17.07 -29.99 -17.72
CA LEU A 280 15.75 -29.45 -17.99
C LEU A 280 15.63 -28.00 -17.52
N ASP A 281 16.76 -27.34 -17.32
CA ASP A 281 16.82 -25.96 -16.88
C ASP A 281 16.90 -25.06 -18.10
N ALA A 282 15.94 -24.16 -18.25
CA ALA A 282 16.01 -23.21 -19.35
C ALA A 282 17.24 -22.31 -19.23
N SER A 283 17.64 -21.99 -17.99
CA SER A 283 18.79 -21.12 -17.77
C SER A 283 20.03 -21.69 -18.42
N THR A 284 20.09 -23.01 -18.53
CA THR A 284 21.19 -23.76 -19.10
C THR A 284 21.06 -23.87 -20.62
N THR A 285 19.88 -24.30 -21.10
CA THR A 285 19.70 -24.57 -22.51
C THR A 285 19.55 -23.31 -23.38
N TRP A 286 19.06 -22.19 -22.82
CA TRP A 286 18.95 -20.95 -23.58
C TRP A 286 20.24 -20.16 -23.67
N MET A 287 21.23 -20.49 -22.86
CA MET A 287 22.52 -19.83 -22.90
C MET A 287 23.61 -20.84 -23.21
N ALA A 288 23.25 -21.87 -23.99
CA ALA A 288 24.21 -22.90 -24.40
C ALA A 288 25.42 -22.31 -25.10
N ASP A 289 25.22 -21.27 -25.91
CA ASP A 289 26.34 -20.63 -26.61
C ASP A 289 27.37 -20.10 -25.62
N ALA A 290 26.92 -19.45 -24.54
CA ALA A 290 27.85 -19.02 -23.50
C ALA A 290 28.54 -20.22 -22.87
N LEU A 291 27.77 -21.28 -22.63
CA LEU A 291 28.32 -22.49 -22.03
C LEU A 291 29.36 -23.12 -22.96
N ASP A 292 29.09 -23.11 -24.26
CA ASP A 292 30.00 -23.67 -25.25
C ASP A 292 31.23 -22.79 -25.50
N ALA A 293 31.22 -21.53 -25.06
CA ALA A 293 32.38 -20.64 -25.15
C ALA A 293 33.34 -20.80 -23.97
N TYR A 294 33.02 -21.70 -23.04
CA TYR A 294 33.84 -21.89 -21.85
C TYR A 294 35.34 -22.08 -22.09
N PRO A 295 35.80 -22.82 -23.11
CA PRO A 295 37.25 -22.92 -23.31
C PRO A 295 37.93 -21.58 -23.42
N ALA A 296 37.23 -20.56 -23.92
CA ALA A 296 37.81 -19.22 -23.96
C ALA A 296 37.43 -18.36 -22.77
N THR A 297 36.19 -18.46 -22.31
CA THR A 297 35.71 -17.57 -21.24
C THR A 297 36.03 -18.10 -19.85
N LEU A 298 36.15 -19.42 -19.68
CA LEU A 298 36.51 -20.03 -18.40
C LEU A 298 37.68 -20.98 -18.60
N PRO A 299 38.85 -20.47 -18.98
CA PRO A 299 39.97 -21.38 -19.28
C PRO A 299 40.37 -22.22 -18.09
N GLY A 300 39.97 -21.86 -16.88
CA GLY A 300 40.32 -22.65 -15.73
C GLY A 300 39.22 -23.58 -15.29
N LEU A 301 38.24 -23.82 -16.16
CA LEU A 301 37.13 -24.68 -15.79
C LEU A 301 37.62 -26.09 -15.50
N SER A 302 37.25 -26.62 -14.34
CA SER A 302 37.50 -28.04 -14.05
C SER A 302 36.59 -28.90 -14.90
N ALA A 303 35.29 -28.64 -14.85
CA ALA A 303 34.38 -29.43 -15.66
C ALA A 303 33.03 -28.74 -15.69
N ALA A 304 32.27 -29.05 -16.72
CA ALA A 304 30.88 -28.65 -16.85
C ALA A 304 30.04 -29.91 -16.63
N HIS A 305 29.22 -29.89 -15.59
CA HIS A 305 28.36 -31.01 -15.23
C HIS A 305 26.91 -30.66 -15.54
N ILE A 306 26.23 -31.56 -16.24
CA ILE A 306 24.81 -31.45 -16.53
C ILE A 306 24.08 -32.57 -15.79
N LEU A 307 23.11 -32.22 -14.94
CA LEU A 307 22.36 -33.23 -14.19
C LEU A 307 21.11 -33.58 -14.96
N GLU A 308 21.03 -34.83 -15.43
CA GLU A 308 19.92 -35.27 -16.25
C GLU A 308 18.61 -35.26 -15.46
N GLY A 309 17.53 -34.83 -16.13
CA GLY A 309 16.23 -34.78 -15.52
C GLY A 309 16.07 -33.72 -14.48
N CYS A 310 17.14 -32.95 -14.21
CA CYS A 310 17.13 -31.93 -13.19
C CYS A 310 16.65 -30.63 -13.78
N GLY A 311 15.83 -29.93 -13.02
CA GLY A 311 15.32 -28.63 -13.41
C GLY A 311 16.17 -27.49 -12.88
N HIS A 312 15.50 -26.39 -12.58
CA HIS A 312 16.20 -25.14 -12.25
C HIS A 312 16.81 -25.16 -10.85
N TRP A 313 16.12 -25.76 -9.88
CA TRP A 313 16.51 -25.65 -8.47
C TRP A 313 17.57 -26.70 -8.11
N ILE A 314 18.69 -26.59 -8.81
CA ILE A 314 19.63 -27.71 -8.93
C ILE A 314 20.10 -28.20 -7.57
N GLN A 315 20.42 -27.31 -6.64
CA GLN A 315 21.00 -27.78 -5.40
C GLN A 315 19.95 -28.33 -4.45
N GLN A 316 18.66 -28.17 -4.76
CA GLN A 316 17.58 -28.78 -4.01
C GLN A 316 16.96 -29.96 -4.73
N GLU A 317 16.90 -29.92 -6.07
CA GLU A 317 16.41 -31.05 -6.85
C GLU A 317 17.43 -32.19 -6.87
N ARG A 318 18.72 -31.88 -6.83
CA ARG A 318 19.77 -32.89 -6.78
C ARG A 318 20.76 -32.59 -5.67
N PRO A 319 20.32 -32.56 -4.42
CA PRO A 319 21.23 -32.15 -3.33
C PRO A 319 22.45 -33.05 -3.18
N ASP A 320 22.30 -34.37 -3.28
CA ASP A 320 23.44 -35.25 -3.04
C ASP A 320 24.44 -35.16 -4.18
N GLU A 321 23.92 -35.03 -5.41
CA GLU A 321 24.76 -34.92 -6.59
C GLU A 321 25.51 -33.59 -6.60
N VAL A 322 24.83 -32.52 -6.21
CA VAL A 322 25.52 -31.24 -6.10
C VAL A 322 26.57 -31.31 -4.99
N ASN A 323 26.22 -31.89 -3.85
CA ASN A 323 27.17 -32.04 -2.75
C ASN A 323 28.41 -32.78 -3.21
N ARG A 324 28.19 -33.92 -3.89
CA ARG A 324 29.29 -34.76 -4.35
C ARG A 324 30.19 -34.01 -5.29
N LEU A 325 29.61 -33.32 -6.28
CA LEU A 325 30.42 -32.62 -7.28
C LEU A 325 31.14 -31.43 -6.66
N LEU A 326 30.48 -30.71 -5.75
CA LEU A 326 31.12 -29.57 -5.12
C LEU A 326 32.33 -30.02 -4.30
N THR A 327 32.14 -30.97 -3.38
CA THR A 327 33.23 -31.37 -2.51
C THR A 327 34.34 -32.10 -3.25
N GLN A 328 34.00 -32.89 -4.28
CA GLN A 328 35.06 -33.50 -5.07
C GLN A 328 35.90 -32.43 -5.73
N TRP A 329 35.23 -31.41 -6.29
CA TRP A 329 35.94 -30.31 -6.91
C TRP A 329 36.76 -29.54 -5.88
N LEU A 330 36.14 -29.23 -4.74
CA LEU A 330 36.86 -28.50 -3.70
C LEU A 330 38.08 -29.28 -3.22
N ASP A 331 37.88 -30.57 -2.92
CA ASP A 331 38.96 -31.42 -2.45
C ASP A 331 40.09 -31.49 -3.49
N GLY A 332 39.75 -31.55 -4.77
CA GLY A 332 40.79 -31.52 -5.78
C GLY A 332 41.61 -30.25 -5.72
N LEU A 333 40.95 -29.10 -5.50
CA LEU A 333 41.70 -27.86 -5.37
C LEU A 333 42.53 -27.86 -4.08
N ARG A 334 41.98 -28.42 -3.01
CA ARG A 334 42.63 -28.40 -1.70
C ARG A 334 43.88 -29.28 -1.66
N ASN A 335 43.88 -30.41 -2.36
CA ASN A 335 45.07 -31.24 -2.45
C ASN A 335 45.82 -31.04 -3.76
N SER A 336 45.27 -30.23 -4.68
CA SER A 336 45.88 -29.92 -5.98
C SER A 336 46.47 -31.14 -6.70
N LEU A 346 37.10 -28.78 -23.38
CA LEU A 346 36.94 -29.79 -22.34
C LEU A 346 35.57 -30.41 -22.68
N GLU A 347 34.88 -31.10 -21.77
CA GLU A 347 33.63 -31.76 -22.11
C GLU A 347 32.50 -31.39 -21.15
N HIS A 348 31.26 -31.46 -21.65
CA HIS A 348 30.09 -31.58 -20.80
C HIS A 348 30.03 -32.97 -20.19
N HIS A 349 29.95 -33.06 -18.88
CA HIS A 349 29.76 -34.34 -18.22
C HIS A 349 28.32 -34.43 -17.75
N HIS A 350 27.60 -35.46 -18.22
CA HIS A 350 26.18 -35.65 -17.95
C HIS A 350 25.98 -36.77 -16.94
N HIS A 351 25.14 -36.50 -15.94
CA HIS A 351 24.94 -37.42 -14.83
C HIS A 351 23.49 -37.86 -14.78
N HIS A 352 23.28 -39.12 -14.42
CA HIS A 352 21.98 -39.77 -14.46
C HIS A 352 21.40 -39.93 -13.07
N HIS A 353 20.06 -39.92 -13.00
CA HIS A 353 19.17 -40.12 -11.82
C HIS A 353 18.12 -39.03 -11.73
N GLU B 14 1.05 -18.57 19.97
CA GLU B 14 1.83 -19.50 19.17
C GLU B 14 1.25 -20.94 19.27
N LYS B 15 0.88 -21.39 20.48
CA LYS B 15 0.28 -22.71 20.70
C LYS B 15 -1.16 -22.53 21.15
N GLY B 16 -2.09 -22.63 20.19
CA GLY B 16 -3.48 -22.25 20.33
C GLY B 16 -3.84 -21.24 19.27
N ALA B 17 -2.98 -20.23 19.15
CA ALA B 17 -3.13 -19.20 18.15
C ALA B 17 -2.78 -19.71 16.76
N VAL B 18 -3.40 -19.12 15.75
CA VAL B 18 -3.30 -19.57 14.37
C VAL B 18 -2.92 -18.39 13.49
N HIS B 19 -1.95 -18.60 12.59
CA HIS B 19 -1.54 -17.56 11.67
C HIS B 19 -2.50 -17.51 10.48
N ARG B 20 -2.83 -16.30 10.00
CA ARG B 20 -3.65 -16.19 8.78
C ARG B 20 -3.19 -15.05 7.90
N LEU B 21 -3.49 -15.20 6.61
CA LEU B 21 -3.29 -14.17 5.59
C LEU B 21 -4.64 -13.84 4.99
N VAL B 22 -5.05 -12.58 5.07
CA VAL B 22 -6.33 -12.18 4.52
C VAL B 22 -6.11 -11.14 3.45
N ASP B 23 -7.03 -11.08 2.51
CA ASP B 23 -6.97 -10.13 1.42
C ASP B 23 -7.70 -8.87 1.83
N THR B 24 -7.14 -7.74 1.46
CA THR B 24 -7.77 -6.45 1.75
C THR B 24 -7.62 -5.63 0.49
N PRO B 25 -8.32 -4.50 0.36
CA PRO B 25 -8.13 -3.67 -0.84
C PRO B 25 -6.70 -3.21 -1.05
N GLY B 26 -5.93 -3.01 0.01
CA GLY B 26 -4.55 -2.62 -0.12
C GLY B 26 -3.55 -3.75 -0.28
N GLY B 27 -3.99 -4.98 -0.19
CA GLY B 27 -3.11 -6.12 -0.31
C GLY B 27 -3.24 -7.03 0.90
N ARG B 28 -2.23 -7.86 1.10
CA ARG B 28 -2.28 -8.89 2.12
C ARG B 28 -2.09 -8.31 3.51
N ILE B 29 -2.88 -8.79 4.47
CA ILE B 29 -2.70 -8.48 5.88
C ILE B 29 -2.43 -9.80 6.60
N HIS B 30 -1.37 -9.83 7.39
CA HIS B 30 -1.09 -10.97 8.25
C HIS B 30 -1.65 -10.76 9.65
N LEU B 31 -2.13 -11.86 10.24
CA LEU B 31 -2.61 -11.77 11.62
C LEU B 31 -2.47 -13.12 12.30
N VAL B 32 -2.50 -13.07 13.63
CA VAL B 32 -2.54 -14.27 14.44
C VAL B 32 -3.79 -14.16 15.29
N GLU B 33 -4.66 -15.16 15.18
CA GLU B 33 -5.91 -15.16 15.93
C GLU B 33 -5.96 -16.37 16.86
N GLN B 34 -6.69 -16.21 17.95
CA GLN B 34 -6.87 -17.26 18.93
C GLN B 34 -8.18 -17.02 19.62
N GLY B 35 -8.94 -18.10 19.82
CA GLY B 35 -10.18 -18.04 20.55
C GLY B 35 -11.40 -18.03 19.64
N THR B 36 -12.55 -18.04 20.30
CA THR B 36 -13.85 -18.10 19.65
C THR B 36 -14.77 -17.08 20.32
N GLY B 37 -15.62 -16.46 19.52
CA GLY B 37 -16.55 -15.50 20.06
C GLY B 37 -16.46 -14.15 19.37
N PRO B 38 -16.93 -13.11 20.05
CA PRO B 38 -16.89 -11.77 19.46
C PRO B 38 -15.45 -11.36 19.11
N LEU B 39 -15.32 -10.68 17.98
CA LEU B 39 -14.01 -10.36 17.45
C LEU B 39 -13.40 -9.17 18.18
N VAL B 40 -12.19 -9.36 18.69
CA VAL B 40 -11.44 -8.28 19.32
C VAL B 40 -10.18 -8.09 18.48
N LEU B 41 -10.16 -7.04 17.65
CA LEU B 41 -9.06 -6.75 16.75
C LEU B 41 -7.97 -5.93 17.47
N LEU B 42 -6.75 -6.46 17.51
CA LEU B 42 -5.62 -5.86 18.22
C LEU B 42 -4.64 -5.23 17.23
N VAL B 43 -4.22 -3.99 17.50
CA VAL B 43 -3.41 -3.20 16.57
C VAL B 43 -2.18 -2.65 17.30
N HIS B 44 -1.01 -3.14 16.94
CA HIS B 44 0.25 -2.79 17.57
C HIS B 44 0.74 -1.42 17.10
N GLY B 45 1.76 -0.92 17.80
CA GLY B 45 2.33 0.38 17.48
C GLY B 45 3.72 0.27 16.89
N PHE B 46 4.52 1.32 17.10
CA PHE B 46 5.87 1.45 16.54
C PHE B 46 6.91 1.25 17.61
N PRO B 47 7.98 0.47 17.36
CA PRO B 47 8.19 -0.40 16.19
C PRO B 47 7.96 -1.82 16.68
N GLU B 48 6.72 -2.26 16.52
CA GLU B 48 6.34 -3.53 17.11
C GLU B 48 5.84 -4.50 16.05
N SER B 49 4.90 -5.34 16.41
CA SER B 49 4.55 -6.56 15.70
C SER B 49 3.25 -7.07 16.31
N TRP B 50 2.56 -7.97 15.60
CA TRP B 50 1.47 -8.71 16.24
C TRP B 50 1.95 -9.38 17.51
N TYR B 51 3.23 -9.75 17.53
CA TYR B 51 3.81 -10.49 18.62
C TYR B 51 3.76 -9.71 19.94
N SER B 52 3.51 -8.40 19.88
CA SER B 52 3.40 -7.62 21.09
C SER B 52 2.17 -7.99 21.89
N TRP B 53 1.22 -8.67 21.26
CA TRP B 53 -0.02 -9.07 21.89
C TRP B 53 0.01 -10.51 22.37
N ARG B 54 1.19 -11.15 22.37
CA ARG B 54 1.28 -12.58 22.71
C ARG B 54 0.65 -12.89 24.07
N HIS B 55 0.77 -12.00 25.05
CA HIS B 55 0.14 -12.26 26.35
C HIS B 55 -1.35 -11.98 26.37
N GLN B 56 -1.88 -11.24 25.40
CA GLN B 56 -3.31 -10.97 25.33
C GLN B 56 -4.08 -12.03 24.53
N LEU B 57 -3.46 -12.67 23.55
CA LEU B 57 -4.21 -13.64 22.75
C LEU B 57 -4.77 -14.78 23.60
N PRO B 58 -3.98 -15.47 24.44
CA PRO B 58 -4.60 -16.52 25.26
C PRO B 58 -5.59 -15.99 26.28
N ALA B 59 -5.34 -14.80 26.83
CA ALA B 59 -6.25 -14.26 27.84
C ALA B 59 -7.61 -13.92 27.24
N LEU B 60 -7.63 -13.24 26.10
CA LEU B 60 -8.91 -12.94 25.46
C LEU B 60 -9.61 -14.22 25.02
N ALA B 61 -8.85 -15.20 24.51
CA ALA B 61 -9.46 -16.45 24.10
C ALA B 61 -10.09 -17.15 25.30
N ALA B 62 -9.38 -17.20 26.42
CA ALA B 62 -9.92 -17.84 27.61
C ALA B 62 -11.12 -17.09 28.14
N ALA B 63 -11.24 -15.81 27.85
CA ALA B 63 -12.37 -15.05 28.34
C ALA B 63 -13.59 -15.16 27.43
N GLY B 64 -13.49 -15.88 26.32
CA GLY B 64 -14.60 -16.02 25.40
C GLY B 64 -14.58 -15.10 24.20
N TYR B 65 -13.41 -14.65 23.77
CA TYR B 65 -13.30 -13.73 22.66
C TYR B 65 -12.41 -14.34 21.57
N ARG B 66 -12.63 -13.87 20.35
CA ARG B 66 -11.75 -14.19 19.23
C ARG B 66 -10.82 -13.00 19.07
N ALA B 67 -9.59 -13.13 19.53
CA ALA B 67 -8.62 -12.06 19.44
C ALA B 67 -7.86 -12.24 18.14
N ALA B 68 -7.69 -11.15 17.40
CA ALA B 68 -6.98 -11.16 16.13
C ALA B 68 -5.96 -10.04 16.13
N ALA B 69 -4.68 -10.39 16.20
CA ALA B 69 -3.60 -9.44 16.20
C ALA B 69 -3.01 -9.38 14.80
N ILE B 70 -3.16 -8.24 14.15
CA ILE B 70 -2.63 -8.06 12.80
C ILE B 70 -1.18 -7.60 12.89
N ASP B 71 -0.48 -7.76 11.77
CA ASP B 71 0.70 -6.97 11.47
C ASP B 71 0.16 -5.74 10.76
N VAL B 72 0.42 -4.55 11.31
CA VAL B 72 -0.05 -3.36 10.64
C VAL B 72 0.62 -3.27 9.26
N ARG B 73 -0.11 -2.70 8.31
CA ARG B 73 0.47 -2.38 7.02
C ARG B 73 1.86 -1.75 7.20
N GLY B 74 2.83 -2.29 6.48
CA GLY B 74 4.22 -1.90 6.62
C GLY B 74 5.04 -2.79 7.54
N TYR B 75 4.40 -3.68 8.31
CA TYR B 75 5.10 -4.49 9.29
C TYR B 75 5.02 -5.97 8.98
N GLY B 76 6.02 -6.72 9.48
CA GLY B 76 6.04 -8.16 9.46
C GLY B 76 5.61 -8.79 8.15
N ARG B 77 4.59 -9.63 8.18
CA ARG B 77 4.16 -10.34 6.98
C ARG B 77 3.04 -9.62 6.24
N SER B 78 2.66 -8.44 6.70
CA SER B 78 1.61 -7.72 5.98
C SER B 78 2.21 -6.98 4.79
N ALA B 79 1.35 -6.61 3.87
CA ALA B 79 1.77 -5.88 2.68
C ALA B 79 2.43 -4.55 3.05
N LYS B 80 3.42 -4.17 2.25
CA LYS B 80 4.17 -2.94 2.48
C LYS B 80 4.27 -2.18 1.17
N PRO B 81 3.24 -1.41 0.83
CA PRO B 81 3.28 -0.63 -0.42
C PRO B 81 4.46 0.32 -0.45
N ALA B 82 4.86 0.65 -1.67
CA ALA B 82 6.04 1.48 -1.88
C ALA B 82 5.76 2.94 -1.55
N ALA B 83 4.60 3.45 -1.93
CA ALA B 83 4.28 4.87 -1.77
C ALA B 83 4.17 5.28 -0.30
N THR B 84 4.80 6.40 0.05
CA THR B 84 4.67 6.90 1.41
C THR B 84 3.21 7.16 1.77
N ASP B 85 2.43 7.73 0.85
CA ASP B 85 1.04 8.02 1.24
C ASP B 85 0.16 6.80 1.33
N ALA B 86 0.66 5.61 1.00
CA ALA B 86 -0.15 4.41 1.16
C ALA B 86 -0.26 4.01 2.63
N TYR B 87 0.39 4.75 3.52
CA TYR B 87 0.33 4.51 4.97
C TYR B 87 -0.51 5.57 5.65
N ARG B 88 -1.35 6.27 4.89
CA ARG B 88 -2.27 7.23 5.46
C ARG B 88 -3.35 6.54 6.27
N MET B 89 -3.92 7.29 7.21
CA MET B 89 -4.90 6.72 8.15
C MET B 89 -6.02 5.96 7.44
N LEU B 90 -6.51 6.49 6.31
CA LEU B 90 -7.59 5.81 5.62
C LEU B 90 -7.19 4.44 5.10
N ALA B 91 -5.91 4.20 4.81
CA ALA B 91 -5.48 2.86 4.43
C ALA B 91 -5.55 1.90 5.62
N HIS B 92 -5.06 2.34 6.78
CA HIS B 92 -5.13 1.47 7.96
C HIS B 92 -6.56 1.14 8.31
N VAL B 93 -7.48 2.10 8.13
CA VAL B 93 -8.86 1.84 8.48
C VAL B 93 -9.46 0.86 7.48
N ALA B 94 -9.14 1.02 6.20
CA ALA B 94 -9.61 0.06 5.22
C ALA B 94 -9.06 -1.32 5.52
N ASP B 95 -7.80 -1.38 5.96
CA ASP B 95 -7.21 -2.66 6.34
C ASP B 95 -8.02 -3.31 7.45
N ASN B 96 -8.34 -2.53 8.49
CA ASN B 96 -9.07 -3.11 9.62
C ASN B 96 -10.45 -3.57 9.21
N THR B 97 -11.15 -2.76 8.41
CA THR B 97 -12.50 -3.12 7.99
C THR B 97 -12.49 -4.42 7.22
N ALA B 98 -11.58 -4.53 6.26
CA ALA B 98 -11.51 -5.71 5.42
C ALA B 98 -11.07 -6.92 6.22
N VAL B 99 -10.31 -6.69 7.29
CA VAL B 99 -9.92 -7.83 8.13
C VAL B 99 -11.13 -8.37 8.88
N VAL B 100 -11.97 -7.47 9.40
CA VAL B 100 -13.19 -7.93 10.07
C VAL B 100 -14.05 -8.72 9.11
N HIS B 101 -14.28 -8.17 7.91
CA HIS B 101 -15.09 -8.86 6.90
C HIS B 101 -14.43 -10.18 6.48
N ALA B 102 -13.11 -10.17 6.25
CA ALA B 102 -12.45 -11.42 5.84
C ALA B 102 -12.56 -12.49 6.91
N LEU B 103 -12.61 -12.12 8.18
CA LEU B 103 -12.73 -13.15 9.20
C LEU B 103 -14.18 -13.60 9.38
N GLY B 104 -15.09 -13.17 8.52
CA GLY B 104 -16.47 -13.59 8.58
C GLY B 104 -17.32 -12.84 9.57
N GLU B 105 -16.87 -11.69 10.04
CA GLU B 105 -17.65 -10.94 11.01
C GLU B 105 -18.17 -9.64 10.41
N GLU B 106 -19.21 -9.12 11.04
CA GLU B 106 -19.76 -7.84 10.63
C GLU B 106 -19.38 -6.72 11.58
N THR B 107 -19.13 -7.04 12.84
CA THR B 107 -18.63 -6.05 13.79
C THR B 107 -17.46 -6.64 14.56
N ALA B 108 -16.79 -5.77 15.30
CA ALA B 108 -15.64 -6.15 16.10
C ALA B 108 -15.37 -5.02 17.06
N THR B 109 -14.63 -5.34 18.12
CA THR B 109 -14.03 -4.33 18.99
C THR B 109 -12.60 -4.15 18.54
N VAL B 110 -12.16 -2.92 18.35
CA VAL B 110 -10.78 -2.69 17.93
C VAL B 110 -10.02 -2.09 19.11
N VAL B 111 -8.86 -2.68 19.42
CA VAL B 111 -8.02 -2.22 20.52
C VAL B 111 -6.66 -1.92 19.95
N GLY B 112 -6.16 -0.73 20.19
CA GLY B 112 -4.93 -0.29 19.59
C GLY B 112 -3.97 0.30 20.59
N HIS B 113 -2.69 0.01 20.40
CA HIS B 113 -1.64 0.50 21.28
C HIS B 113 -0.67 1.35 20.48
N ASP B 114 -0.23 2.46 21.08
CA ASP B 114 0.71 3.38 20.46
C ASP B 114 0.11 3.88 19.15
N TRP B 115 0.77 3.75 17.99
CA TRP B 115 0.14 4.18 16.74
C TRP B 115 -1.10 3.37 16.44
N GLY B 116 -1.17 2.14 16.92
CA GLY B 116 -2.42 1.41 16.83
C GLY B 116 -3.56 2.10 17.55
N SER B 117 -3.27 3.02 18.47
CA SER B 117 -4.37 3.73 19.12
C SER B 117 -5.09 4.70 18.19
N PRO B 118 -4.41 5.67 17.53
CA PRO B 118 -5.13 6.48 16.54
C PRO B 118 -5.71 5.65 15.42
N ILE B 119 -5.09 4.52 15.06
CA ILE B 119 -5.65 3.66 14.04
C ILE B 119 -6.98 3.08 14.52
N ALA B 120 -7.03 2.62 15.78
CA ALA B 120 -8.28 2.12 16.34
C ALA B 120 -9.31 3.25 16.48
N ALA B 121 -8.86 4.42 16.97
CA ALA B 121 -9.77 5.55 17.14
C ALA B 121 -10.40 5.93 15.81
N ASN B 122 -9.60 6.09 14.76
CA ASN B 122 -10.18 6.47 13.48
C ASN B 122 -10.96 5.32 12.86
N SER B 123 -10.59 4.07 13.14
CA SER B 123 -11.46 2.98 12.71
C SER B 123 -12.83 3.11 13.36
N ALA B 124 -12.86 3.43 14.65
CA ALA B 124 -14.12 3.61 15.36
C ALA B 124 -14.82 4.87 14.90
N LEU B 125 -14.05 5.91 14.57
CA LEU B 125 -14.64 7.16 14.13
C LEU B 125 -15.27 7.00 12.75
N LEU B 126 -14.55 6.38 11.80
CA LEU B 126 -15.07 6.40 10.43
C LEU B 126 -16.04 5.26 10.16
N ARG B 127 -15.88 4.10 10.79
CA ARG B 127 -16.78 2.96 10.57
C ARG B 127 -17.39 2.53 11.89
N PRO B 128 -18.19 3.39 12.52
CA PRO B 128 -18.82 3.01 13.81
C PRO B 128 -19.79 1.86 13.68
N ASP B 129 -20.28 1.58 12.47
CA ASP B 129 -21.15 0.45 12.23
C ASP B 129 -20.40 -0.89 12.24
N VAL B 130 -19.09 -0.86 12.08
CA VAL B 130 -18.26 -2.04 12.16
C VAL B 130 -17.57 -2.15 13.52
N PHE B 131 -16.88 -1.09 13.94
CA PHE B 131 -16.12 -1.10 15.19
C PHE B 131 -16.98 -0.49 16.28
N THR B 132 -17.64 -1.35 17.05
CA THR B 132 -18.70 -0.96 17.96
C THR B 132 -18.20 -0.62 19.36
N ALA B 133 -16.94 -0.86 19.65
CA ALA B 133 -16.29 -0.43 20.89
C ALA B 133 -14.80 -0.32 20.57
N VAL B 134 -14.11 0.56 21.27
CA VAL B 134 -12.72 0.85 20.94
C VAL B 134 -11.91 0.99 22.23
N GLY B 135 -10.79 0.29 22.31
CA GLY B 135 -9.84 0.43 23.41
C GLY B 135 -8.59 1.14 22.90
N LEU B 136 -8.08 2.08 23.69
CA LEU B 136 -6.89 2.82 23.29
C LEU B 136 -5.84 2.69 24.38
N LEU B 137 -4.65 2.25 24.00
CA LEU B 137 -3.57 2.06 24.96
C LEU B 137 -2.44 3.05 24.68
N SER B 138 -1.92 3.65 25.73
CA SER B 138 -0.77 4.55 25.69
C SER B 138 -1.01 5.90 25.03
N VAL B 139 -1.63 5.93 23.87
CA VAL B 139 -1.87 7.17 23.14
C VAL B 139 -3.33 7.57 23.31
N PRO B 140 -3.61 8.70 23.96
CA PRO B 140 -5.00 9.13 24.15
C PRO B 140 -5.67 9.50 22.84
N TYR B 141 -7.00 9.51 22.86
CA TYR B 141 -7.71 10.02 21.69
C TYR B 141 -7.72 11.53 21.71
N ALA B 142 -7.29 12.13 20.61
CA ALA B 142 -7.41 13.57 20.41
C ALA B 142 -8.12 13.74 19.07
N PRO B 143 -9.25 14.43 19.04
CA PRO B 143 -9.93 14.65 17.76
C PRO B 143 -9.06 15.47 16.83
N ARG B 144 -9.32 15.30 15.53
CA ARG B 144 -8.60 16.09 14.52
C ARG B 144 -8.75 17.58 14.82
N GLY B 145 -7.62 18.28 14.90
CA GLY B 145 -7.58 19.67 15.25
C GLY B 145 -7.29 20.59 14.07
N GLU B 146 -7.19 21.88 14.39
CA GLU B 146 -7.00 22.94 13.40
C GLU B 146 -5.56 23.08 12.92
N HIS B 147 -4.59 22.64 13.70
CA HIS B 147 -3.19 22.92 13.40
C HIS B 147 -2.52 21.79 12.64
N ARG B 148 -1.73 22.17 11.66
CA ARG B 148 -0.96 21.22 10.90
C ARG B 148 0.03 20.53 11.84
N PRO B 149 -0.03 19.20 11.96
CA PRO B 149 0.84 18.51 12.94
C PRO B 149 2.33 18.84 12.83
N THR B 150 2.93 18.88 11.64
CA THR B 150 4.36 19.18 11.51
C THR B 150 4.72 20.58 11.99
N ASP B 151 3.78 21.53 11.93
CA ASP B 151 4.08 22.86 12.45
C ASP B 151 4.34 22.84 13.95
N GLY B 152 3.64 21.96 14.69
CA GLY B 152 3.85 21.81 16.11
C GLY B 152 5.11 21.04 16.45
N PHE B 153 5.29 19.87 15.81
CA PHE B 153 6.46 19.04 16.08
C PHE B 153 7.73 19.84 15.85
N ALA B 154 7.71 20.74 14.88
CA ALA B 154 8.91 21.52 14.59
C ALA B 154 9.13 22.62 15.61
N ARG B 155 8.06 23.06 16.28
CA ARG B 155 8.18 24.17 17.22
C ARG B 155 8.92 23.78 18.49
N ILE B 156 8.58 22.62 19.09
CA ILE B 156 9.10 22.19 20.41
C ILE B 156 10.53 21.66 20.31
N GLY B 157 11.18 21.60 21.47
CA GLY B 157 12.53 21.09 21.54
C GLY B 157 13.59 22.16 21.46
N GLY B 158 13.28 23.26 20.77
CA GLY B 158 14.17 24.39 20.69
C GLY B 158 15.17 24.23 19.58
N ASP B 159 16.44 24.20 19.96
CA ASP B 159 17.53 23.87 19.03
C ASP B 159 17.55 22.38 18.67
N GLU B 160 16.97 21.52 19.51
CA GLU B 160 16.91 20.10 19.24
C GLU B 160 15.64 19.77 18.44
N GLU B 161 15.71 18.70 17.65
CA GLU B 161 14.67 18.30 16.71
C GLU B 161 13.83 17.18 17.30
N PHE B 162 12.52 17.38 17.37
CA PHE B 162 11.59 16.37 17.87
C PHE B 162 11.64 15.13 17.00
N TYR B 163 11.59 13.93 17.63
CA TYR B 163 11.85 12.69 16.90
C TYR B 163 10.85 12.46 15.76
N VAL B 164 9.62 12.91 15.92
CA VAL B 164 8.66 12.76 14.83
C VAL B 164 9.09 13.60 13.64
N SER B 165 9.64 14.78 13.94
CA SER B 165 10.19 15.61 12.88
C SER B 165 11.41 14.96 12.28
N TYR B 166 12.23 14.31 13.11
CA TYR B 166 13.37 13.55 12.64
C TYR B 166 12.93 12.41 11.74
N PHE B 167 11.77 11.84 12.02
CA PHE B 167 11.31 10.72 11.23
C PHE B 167 10.74 11.14 9.87
N GLN B 168 10.55 12.42 9.60
CA GLN B 168 9.81 12.83 8.40
C GLN B 168 10.57 12.50 7.12
N ALA B 169 11.87 12.80 7.07
CA ALA B 169 12.63 12.70 5.81
C ALA B 169 12.91 11.26 5.44
N PRO B 170 12.55 10.82 4.24
CA PRO B 170 12.80 9.41 3.88
C PRO B 170 14.27 9.04 3.93
N GLY B 171 14.55 7.86 4.49
CA GLY B 171 15.90 7.33 4.54
C GLY B 171 16.72 7.83 5.70
N ARG B 172 16.33 8.95 6.31
CA ARG B 172 17.13 9.53 7.37
C ARG B 172 17.07 8.66 8.62
N ALA B 173 15.87 8.48 9.19
CA ALA B 173 15.75 7.57 10.31
C ALA B 173 16.14 6.15 9.92
N GLU B 174 15.90 5.74 8.68
CA GLU B 174 16.28 4.38 8.26
C GLU B 174 17.78 4.19 8.36
N ALA B 175 18.54 5.17 7.87
CA ALA B 175 19.99 5.02 7.88
C ALA B 175 20.49 4.87 9.31
N GLU B 176 19.95 5.65 10.24
CA GLU B 176 20.37 5.50 11.62
C GLU B 176 20.04 4.11 12.14
N ILE B 177 18.81 3.66 11.96
CA ILE B 177 18.42 2.39 12.56
C ILE B 177 19.13 1.23 11.89
N GLU B 178 19.29 1.29 10.57
CA GLU B 178 19.92 0.17 9.86
C GLU B 178 21.39 -0.02 10.27
N ARG B 179 22.00 0.95 10.94
CA ARG B 179 23.36 0.73 11.43
C ARG B 179 23.41 -0.53 12.29
N ASP B 180 22.32 -0.80 13.02
CA ASP B 180 22.23 -1.96 13.90
C ASP B 180 20.78 -2.14 14.34
N VAL B 181 19.95 -2.78 13.50
CA VAL B 181 18.51 -2.84 13.76
C VAL B 181 18.24 -3.42 15.16
N ARG B 182 18.85 -4.57 15.45
CA ARG B 182 18.70 -5.18 16.77
C ARG B 182 19.10 -4.22 17.88
N GLY B 183 20.28 -3.60 17.76
CA GLY B 183 20.75 -2.68 18.81
C GLY B 183 19.79 -1.52 19.02
N TRP B 184 19.33 -0.92 17.92
CA TRP B 184 18.41 0.21 17.99
C TRP B 184 17.12 -0.17 18.70
N LEU B 185 16.53 -1.30 18.30
CA LEU B 185 15.32 -1.77 18.97
C LEU B 185 15.54 -1.97 20.46
N ALA B 186 16.60 -2.69 20.83
CA ALA B 186 16.88 -2.93 22.24
C ALA B 186 16.97 -1.62 23.00
N GLY B 187 17.67 -0.63 22.44
CA GLY B 187 17.78 0.64 23.11
C GLY B 187 16.43 1.33 23.28
N PHE B 188 15.63 1.33 22.21
CA PHE B 188 14.32 1.96 22.25
C PHE B 188 13.38 1.22 23.20
N TYR B 189 13.33 -0.11 23.06
CA TYR B 189 12.55 -0.94 23.96
C TYR B 189 12.94 -0.71 25.41
N THR B 190 14.24 -0.69 25.68
CA THR B 190 14.75 -0.44 27.03
C THR B 190 14.46 1.00 27.46
N GLY B 191 14.75 1.97 26.59
CA GLY B 191 14.64 3.36 27.00
C GLY B 191 13.25 3.76 27.46
N LEU B 192 12.21 3.15 26.87
CA LEU B 192 10.84 3.50 27.18
C LEU B 192 10.21 2.56 28.18
N THR B 193 10.98 1.60 28.71
CA THR B 193 10.47 0.76 29.78
C THR B 193 10.40 1.59 31.06
N GLY B 194 9.30 1.45 31.81
CA GLY B 194 9.09 2.19 33.03
C GLY B 194 10.23 2.11 34.02
N GLY B 195 10.83 3.24 34.36
CA GLY B 195 11.90 3.26 35.35
C GLY B 195 13.28 2.98 34.82
N ALA B 196 13.42 2.73 33.51
CA ALA B 196 14.74 2.47 32.94
C ALA B 196 15.54 3.76 32.87
N LEU B 197 14.87 4.90 32.74
CA LEU B 197 15.49 6.20 32.69
C LEU B 197 14.80 7.12 33.68
N THR B 198 15.52 8.14 34.13
CA THR B 198 14.89 9.17 34.93
C THR B 198 13.94 9.97 34.04
N PRO B 199 12.98 10.69 34.63
CA PRO B 199 12.06 11.45 33.77
C PRO B 199 12.76 12.46 32.88
N GLU B 200 13.83 13.11 33.38
CA GLU B 200 14.64 13.99 32.54
C GLU B 200 15.30 13.24 31.39
N GLU B 201 15.94 12.11 31.67
CA GLU B 201 16.56 11.36 30.59
C GLU B 201 15.50 10.86 29.63
N HIS B 202 14.38 10.39 30.17
CA HIS B 202 13.28 9.92 29.34
C HIS B 202 12.83 11.00 28.37
N GLY B 203 12.69 12.24 28.84
CA GLY B 203 12.14 13.29 27.99
C GLY B 203 13.05 13.69 26.84
N ARG B 204 14.34 13.89 27.10
CA ARG B 204 15.23 14.26 25.99
C ARG B 204 15.54 13.11 25.04
N LEU B 205 15.22 11.87 25.40
CA LEU B 205 15.41 10.78 24.46
C LEU B 205 14.66 11.06 23.15
N PHE B 206 13.60 11.87 23.20
CA PHE B 206 12.74 12.17 22.07
C PHE B 206 13.18 13.38 21.27
N PHE B 207 14.34 13.93 21.57
CA PHE B 207 14.84 15.09 20.85
C PHE B 207 16.23 14.76 20.34
N VAL B 208 16.52 15.19 19.13
CA VAL B 208 17.80 14.89 18.51
C VAL B 208 18.55 16.20 18.30
N PRO B 209 19.69 16.39 18.94
CA PRO B 209 20.50 17.56 18.65
C PRO B 209 20.98 17.52 17.23
N PRO B 210 21.17 18.67 16.59
CA PRO B 210 21.66 18.70 15.21
C PRO B 210 22.93 17.89 15.05
N GLY B 211 22.97 17.06 14.02
CA GLY B 211 24.11 16.20 13.80
C GLY B 211 24.11 14.93 14.62
N ALA B 212 23.18 14.79 15.57
CA ALA B 212 23.17 13.60 16.40
C ALA B 212 22.26 12.53 15.80
N HIS B 213 22.28 11.38 16.43
CA HIS B 213 21.39 10.27 16.14
C HIS B 213 20.43 10.13 17.32
N LEU B 214 19.18 9.75 17.02
CA LEU B 214 18.21 9.53 18.10
C LEU B 214 18.74 8.51 19.08
N ALA B 215 19.35 7.43 18.59
CA ALA B 215 19.81 6.37 19.47
C ALA B 215 20.99 6.79 20.34
N ASP B 216 21.54 7.98 20.14
CA ASP B 216 22.65 8.40 20.99
C ASP B 216 22.23 8.51 22.44
N ARG B 217 20.94 8.72 22.71
CA ARG B 217 20.44 8.79 24.08
C ARG B 217 19.73 7.52 24.50
N PHE B 218 19.91 6.42 23.75
CA PHE B 218 19.31 5.18 24.20
C PHE B 218 20.18 4.55 25.28
N PRO B 219 19.57 3.90 26.25
CA PRO B 219 20.39 3.18 27.23
C PRO B 219 21.00 1.94 26.62
N THR B 220 22.08 1.49 27.25
CA THR B 220 22.77 0.26 26.92
C THR B 220 22.57 -0.70 28.10
N GLY B 221 23.18 -1.87 28.04
CA GLY B 221 23.02 -2.77 29.15
C GLY B 221 21.84 -3.70 29.02
N PRO B 222 21.35 -4.19 30.16
CA PRO B 222 20.41 -5.32 30.14
C PRO B 222 19.05 -4.99 29.55
N LEU B 223 18.50 -6.01 28.89
CA LEU B 223 17.16 -5.91 28.34
C LEU B 223 16.16 -5.77 29.48
N PRO B 224 15.03 -5.09 29.26
CA PRO B 224 14.02 -5.02 30.30
C PRO B 224 13.40 -6.38 30.55
N ALA B 225 12.70 -6.48 31.68
CA ALA B 225 12.20 -7.77 32.14
C ALA B 225 11.14 -8.35 31.21
N TRP B 226 10.39 -7.51 30.52
CA TRP B 226 9.29 -8.00 29.71
C TRP B 226 9.75 -8.58 28.40
N LEU B 227 11.00 -8.32 28.02
CA LEU B 227 11.55 -8.70 26.72
C LEU B 227 12.76 -9.61 26.93
N THR B 228 12.59 -10.89 26.62
CA THR B 228 13.72 -11.80 26.69
C THR B 228 14.58 -11.64 25.44
N GLU B 229 15.75 -12.28 25.45
CA GLU B 229 16.58 -12.25 24.25
C GLU B 229 15.85 -12.93 23.11
N ALA B 230 15.10 -13.98 23.42
CA ALA B 230 14.30 -14.63 22.39
C ALA B 230 13.20 -13.71 21.87
N ASP B 231 12.62 -12.87 22.75
CA ASP B 231 11.65 -11.89 22.28
C ASP B 231 12.31 -10.89 21.34
N LEU B 232 13.53 -10.42 21.70
CA LEU B 232 14.24 -9.50 20.81
C LEU B 232 14.58 -10.17 19.48
N ASP B 233 14.93 -11.46 19.50
CA ASP B 233 15.18 -12.19 18.26
C ASP B 233 13.96 -12.15 17.35
N VAL B 234 12.77 -12.26 17.93
CA VAL B 234 11.52 -12.16 17.15
C VAL B 234 11.38 -10.77 16.56
N TYR B 235 11.41 -9.74 17.40
CA TYR B 235 11.23 -8.38 16.89
C TYR B 235 12.31 -8.03 15.89
N SER B 236 13.57 -8.25 16.26
CA SER B 236 14.63 -7.85 15.34
C SER B 236 14.58 -8.68 14.08
N GLY B 237 14.16 -9.94 14.19
CA GLY B 237 14.00 -10.77 13.01
C GLY B 237 12.93 -10.26 12.07
N GLU B 238 11.92 -9.59 12.60
CA GLU B 238 10.92 -9.01 11.71
C GLU B 238 11.52 -7.84 10.95
N PHE B 239 12.16 -6.92 11.69
CA PHE B 239 12.65 -5.70 11.06
C PHE B 239 13.89 -5.92 10.21
N GLU B 240 14.70 -6.93 10.50
CA GLU B 240 15.79 -7.25 9.59
C GLU B 240 15.28 -7.71 8.23
N ARG B 241 14.02 -8.12 8.14
CA ARG B 241 13.40 -8.54 6.88
C ARG B 241 12.51 -7.48 6.28
N SER B 242 11.76 -6.77 7.12
CA SER B 242 10.81 -5.77 6.62
C SER B 242 11.44 -4.42 6.36
N GLY B 243 12.57 -4.10 7.02
CA GLY B 243 13.04 -2.72 6.97
C GLY B 243 12.15 -1.85 7.84
N LEU B 244 12.53 -0.57 7.95
CA LEU B 244 11.82 0.35 8.84
C LEU B 244 10.93 1.35 8.10
N THR B 245 10.94 1.36 6.77
CA THR B 245 10.22 2.38 6.02
C THR B 245 8.70 2.25 6.17
N GLY B 246 8.17 1.04 6.09
CA GLY B 246 6.75 0.87 6.32
C GLY B 246 6.35 1.40 7.68
N ALA B 247 7.16 1.11 8.71
CA ALA B 247 6.89 1.60 10.06
C ALA B 247 7.00 3.11 10.13
N LEU B 248 8.08 3.68 9.61
CA LEU B 248 8.30 5.11 9.67
C LEU B 248 7.29 5.88 8.82
N ASN B 249 6.80 5.28 7.74
CA ASN B 249 5.84 5.97 6.88
C ASN B 249 4.57 6.34 7.63
N ARG B 250 4.25 5.59 8.67
CA ARG B 250 3.17 5.98 9.55
C ARG B 250 3.33 7.43 10.02
N TYR B 251 4.52 7.80 10.52
CA TYR B 251 4.74 9.18 10.96
C TYR B 251 4.71 10.17 9.81
N ARG B 252 5.06 9.70 8.61
CA ARG B 252 5.18 10.58 7.46
C ARG B 252 3.82 10.95 6.87
N ASN B 253 2.75 10.52 7.49
CA ASN B 253 1.41 10.87 7.04
C ASN B 253 0.65 11.72 8.06
N VAL B 254 1.33 12.27 9.07
CA VAL B 254 0.56 13.02 10.07
C VAL B 254 -0.16 14.20 9.42
N ASP B 255 0.50 14.89 8.50
CA ASP B 255 -0.16 16.02 7.84
C ASP B 255 -1.23 15.55 6.86
N ARG B 256 -0.96 14.45 6.14
CA ARG B 256 -1.98 13.91 5.24
C ARG B 256 -3.21 13.45 6.02
N ASP B 257 -3.00 12.85 7.20
CA ASP B 257 -4.15 12.38 7.97
C ASP B 257 -4.96 13.54 8.48
N TRP B 258 -4.26 14.58 8.91
CA TRP B 258 -4.88 15.80 9.35
C TRP B 258 -5.74 16.42 8.24
N GLU B 259 -5.30 16.30 6.99
CA GLU B 259 -6.16 16.70 5.88
C GLU B 259 -7.31 15.71 5.69
N ASP B 260 -6.97 14.41 5.62
CA ASP B 260 -7.97 13.39 5.32
C ASP B 260 -9.08 13.36 6.35
N LEU B 261 -8.74 13.57 7.63
CA LEU B 261 -9.69 13.44 8.70
C LEU B 261 -10.44 14.73 8.99
N ALA B 262 -10.30 15.72 8.10
CA ALA B 262 -10.91 17.03 8.33
C ALA B 262 -12.42 16.96 8.40
N ALA B 263 -13.03 15.95 7.76
CA ALA B 263 -14.48 15.82 7.84
C ALA B 263 -14.94 15.35 9.21
N TRP B 264 -14.02 14.87 10.06
CA TRP B 264 -14.33 14.49 11.44
C TRP B 264 -13.64 15.42 12.42
N HIS B 265 -13.44 16.66 11.98
CA HIS B 265 -12.81 17.68 12.81
C HIS B 265 -13.56 17.83 14.13
N GLY B 266 -12.85 17.67 15.24
CA GLY B 266 -13.43 17.81 16.56
C GLY B 266 -14.49 16.79 16.88
N ALA B 267 -14.65 15.78 16.04
CA ALA B 267 -15.73 14.83 16.26
C ALA B 267 -15.38 13.86 17.40
N PRO B 268 -16.35 13.53 18.26
CA PRO B 268 -16.11 12.59 19.33
C PRO B 268 -16.38 11.16 18.90
N ILE B 269 -15.81 10.24 19.65
CA ILE B 269 -16.07 8.83 19.49
C ILE B 269 -17.12 8.44 20.50
N THR B 270 -18.29 8.01 20.02
CA THR B 270 -19.43 7.79 20.89
C THR B 270 -19.56 6.35 21.37
N GLN B 271 -18.80 5.38 20.78
CA GLN B 271 -18.89 3.94 20.94
C GLN B 271 -18.50 3.84 22.39
N PRO B 272 -18.75 2.74 23.06
CA PRO B 272 -18.06 2.51 24.35
C PRO B 272 -16.56 2.48 24.11
N SER B 273 -15.79 3.12 25.00
CA SER B 273 -14.35 3.20 24.81
C SER B 273 -13.65 2.92 26.14
N LEU B 274 -12.37 2.58 26.05
CA LEU B 274 -11.51 2.27 27.18
C LEU B 274 -10.13 2.86 26.92
N PHE B 275 -9.51 3.48 27.92
CA PHE B 275 -8.13 3.97 27.79
C PHE B 275 -7.24 3.38 28.87
N ILE B 276 -6.07 2.84 28.48
CA ILE B 276 -5.07 2.35 29.43
C ILE B 276 -3.72 2.95 29.03
N GLY B 277 -3.07 3.64 29.97
CA GLY B 277 -1.80 4.27 29.70
C GLY B 277 -0.87 4.09 30.87
N GLY B 278 0.42 4.31 30.62
CA GLY B 278 1.45 4.16 31.62
C GLY B 278 1.81 5.50 32.23
N ALA B 279 1.99 5.51 33.54
CA ALA B 279 2.29 6.75 34.24
C ALA B 279 3.64 7.30 33.82
N LEU B 280 4.57 6.43 33.42
CA LEU B 280 5.89 6.84 33.00
C LEU B 280 6.05 6.83 31.49
N ASP B 281 4.95 6.78 30.77
CA ASP B 281 4.94 6.77 29.31
C ASP B 281 4.70 8.19 28.84
N ALA B 282 5.67 8.75 28.10
CA ALA B 282 5.49 10.10 27.57
C ALA B 282 4.28 10.17 26.66
N SER B 283 3.97 9.09 25.94
CA SER B 283 2.82 9.10 25.06
C SER B 283 1.56 9.44 25.82
N THR B 284 1.51 9.07 27.10
CA THR B 284 0.35 9.31 27.95
C THR B 284 0.43 10.67 28.63
N THR B 285 1.54 10.94 29.33
CA THR B 285 1.70 12.15 30.14
C THR B 285 1.94 13.43 29.32
N TRP B 286 2.37 13.33 28.06
CA TRP B 286 2.52 14.51 27.22
C TRP B 286 1.18 14.99 26.65
N MET B 287 0.13 14.20 26.77
CA MET B 287 -1.17 14.56 26.22
C MET B 287 -2.24 14.63 27.31
N ALA B 288 -1.84 15.09 28.50
CA ALA B 288 -2.80 15.25 29.60
C ALA B 288 -4.00 16.06 29.15
N ASP B 289 -3.79 17.09 28.32
CA ASP B 289 -4.90 17.88 27.80
C ASP B 289 -5.90 16.98 27.06
N ALA B 290 -5.41 16.03 26.26
CA ALA B 290 -6.31 15.10 25.59
C ALA B 290 -7.10 14.29 26.60
N LEU B 291 -6.43 13.84 27.66
CA LEU B 291 -7.11 13.09 28.70
C LEU B 291 -8.15 13.94 29.41
N ASP B 292 -7.87 15.24 29.61
CA ASP B 292 -8.83 16.08 30.32
C ASP B 292 -10.07 16.34 29.51
N ALA B 293 -9.99 16.22 28.19
CA ALA B 293 -11.13 16.41 27.31
C ALA B 293 -11.93 15.13 27.10
N TYR B 294 -11.49 14.00 27.65
CA TYR B 294 -12.26 12.76 27.48
C TYR B 294 -13.74 12.88 27.79
N PRO B 295 -14.19 13.61 28.82
CA PRO B 295 -15.63 13.71 29.04
C PRO B 295 -16.39 14.21 27.81
N ALA B 296 -15.76 15.03 26.98
CA ALA B 296 -16.35 15.53 25.74
C ALA B 296 -15.92 14.73 24.51
N THR B 297 -14.66 14.31 24.44
CA THR B 297 -14.18 13.66 23.23
C THR B 297 -14.44 12.17 23.19
N LEU B 298 -14.51 11.50 24.35
CA LEU B 298 -14.80 10.08 24.44
C LEU B 298 -15.98 9.92 25.38
N PRO B 299 -17.16 10.43 25.01
CA PRO B 299 -18.29 10.43 25.95
C PRO B 299 -18.76 9.04 26.35
N GLY B 300 -18.34 8.01 25.62
CA GLY B 300 -18.68 6.65 26.00
C GLY B 300 -17.58 5.98 26.78
N LEU B 301 -16.64 6.75 27.31
CA LEU B 301 -15.53 6.17 28.06
C LEU B 301 -16.01 5.46 29.30
N SER B 302 -15.58 4.22 29.48
CA SER B 302 -15.83 3.55 30.76
C SER B 302 -14.94 4.14 31.85
N ALA B 303 -13.63 4.16 31.63
CA ALA B 303 -12.67 4.72 32.57
C ALA B 303 -11.34 4.87 31.87
N ALA B 304 -10.52 5.77 32.40
CA ALA B 304 -9.16 5.98 31.95
C ALA B 304 -8.24 5.40 33.02
N HIS B 305 -7.45 4.40 32.65
CA HIS B 305 -6.56 3.71 33.57
C HIS B 305 -5.13 4.16 33.35
N ILE B 306 -4.48 4.61 34.43
CA ILE B 306 -3.08 5.01 34.46
C ILE B 306 -2.33 3.95 35.27
N LEU B 307 -1.38 3.26 34.65
CA LEU B 307 -0.64 2.25 35.42
C LEU B 307 0.61 2.89 36.00
N GLU B 308 0.65 3.01 37.32
CA GLU B 308 1.79 3.64 37.98
C GLU B 308 3.04 2.79 37.82
N GLY B 309 4.17 3.44 37.56
CA GLY B 309 5.43 2.76 37.32
C GLY B 309 5.51 2.06 35.98
N CYS B 310 4.46 2.09 35.17
CA CYS B 310 4.47 1.42 33.88
C CYS B 310 4.95 2.39 32.81
N GLY B 311 5.77 1.89 31.90
CA GLY B 311 6.27 2.64 30.76
C GLY B 311 5.42 2.49 29.53
N HIS B 312 6.08 2.51 28.37
CA HIS B 312 5.39 2.59 27.08
C HIS B 312 4.79 1.27 26.61
N TRP B 313 5.48 0.14 26.86
CA TRP B 313 5.13 -1.16 26.29
C TRP B 313 4.08 -1.87 27.15
N ILE B 314 2.92 -1.20 27.26
CA ILE B 314 1.97 -1.43 28.34
C ILE B 314 1.47 -2.88 28.36
N GLN B 315 1.18 -3.46 27.19
CA GLN B 315 0.60 -4.80 27.24
C GLN B 315 1.64 -5.88 27.50
N GLN B 316 2.92 -5.52 27.49
CA GLN B 316 4.00 -6.43 27.86
C GLN B 316 4.59 -6.10 29.23
N GLU B 317 4.59 -4.82 29.60
CA GLU B 317 5.08 -4.43 30.91
C GLU B 317 4.08 -4.77 32.01
N ARG B 318 2.78 -4.64 31.73
CA ARG B 318 1.74 -4.95 32.70
C ARG B 318 0.73 -5.90 32.06
N PRO B 319 1.18 -7.09 31.62
CA PRO B 319 0.27 -7.96 30.86
C PRO B 319 -0.96 -8.38 31.65
N ASP B 320 -0.83 -8.73 32.94
CA ASP B 320 -1.98 -9.24 33.65
C ASP B 320 -3.02 -8.16 33.92
N GLU B 321 -2.58 -6.95 34.30
CA GLU B 321 -3.56 -5.89 34.57
C GLU B 321 -4.22 -5.41 33.29
N VAL B 322 -3.45 -5.36 32.20
CA VAL B 322 -4.05 -5.01 30.92
C VAL B 322 -5.05 -6.06 30.50
N ASN B 323 -4.68 -7.34 30.67
CA ASN B 323 -5.58 -8.45 30.33
C ASN B 323 -6.89 -8.31 31.08
N ARG B 324 -6.79 -8.12 32.39
CA ARG B 324 -7.98 -7.98 33.23
C ARG B 324 -8.81 -6.76 32.82
N LEU B 325 -8.16 -5.65 32.48
CA LEU B 325 -8.94 -4.47 32.16
C LEU B 325 -9.71 -4.68 30.88
N LEU B 326 -9.05 -5.29 29.87
CA LEU B 326 -9.68 -5.54 28.59
C LEU B 326 -10.87 -6.48 28.73
N THR B 327 -10.68 -7.63 29.38
CA THR B 327 -11.76 -8.62 29.42
C THR B 327 -12.91 -8.15 30.30
N GLN B 328 -12.61 -7.53 31.45
CA GLN B 328 -13.69 -7.01 32.27
C GLN B 328 -14.44 -5.90 31.54
N TRP B 329 -13.72 -5.05 30.80
CA TRP B 329 -14.41 -4.03 30.02
C TRP B 329 -15.26 -4.68 28.93
N LEU B 330 -14.67 -5.65 28.21
CA LEU B 330 -15.41 -6.34 27.15
C LEU B 330 -16.62 -7.06 27.72
N ASP B 331 -16.45 -7.82 28.79
CA ASP B 331 -17.59 -8.46 29.44
C ASP B 331 -18.63 -7.43 29.86
N GLY B 332 -18.19 -6.26 30.32
CA GLY B 332 -19.11 -5.19 30.67
C GLY B 332 -20.00 -4.78 29.52
N LEU B 333 -19.45 -4.76 28.30
CA LEU B 333 -20.24 -4.45 27.12
C LEU B 333 -21.27 -5.55 26.85
N ARG B 334 -20.91 -6.80 27.10
CA ARG B 334 -21.74 -7.98 26.86
C ARG B 334 -22.88 -8.11 27.89
N ASN B 335 -23.03 -7.12 28.76
CA ASN B 335 -24.17 -7.13 29.69
C ASN B 335 -24.45 -5.75 30.30
N GLY C 16 -33.98 37.41 1.09
CA GLY C 16 -34.03 36.53 -0.07
C GLY C 16 -32.84 35.61 -0.12
N ALA C 17 -32.28 35.39 -1.32
CA ALA C 17 -31.06 34.61 -1.42
C ALA C 17 -29.86 35.46 -1.01
N VAL C 18 -28.89 34.85 -0.32
CA VAL C 18 -27.76 35.58 0.24
C VAL C 18 -26.45 34.85 -0.04
N HIS C 19 -25.41 35.62 -0.38
CA HIS C 19 -24.08 35.06 -0.55
C HIS C 19 -23.39 34.93 0.80
N ARG C 20 -22.68 33.81 1.01
CA ARG C 20 -21.81 33.68 2.17
C ARG C 20 -20.50 33.01 1.79
N LEU C 21 -19.47 33.35 2.56
CA LEU C 21 -18.17 32.72 2.49
C LEU C 21 -17.97 32.05 3.83
N VAL C 22 -17.79 30.76 3.83
CA VAL C 22 -17.64 30.04 5.09
C VAL C 22 -16.24 29.48 5.11
N ASP C 23 -15.73 29.33 6.33
CA ASP C 23 -14.39 28.85 6.58
C ASP C 23 -14.45 27.33 6.63
N THR C 24 -13.49 26.69 5.98
CA THR C 24 -13.44 25.24 5.99
C THR C 24 -11.99 24.81 6.17
N PRO C 25 -11.76 23.55 6.53
CA PRO C 25 -10.38 23.10 6.70
C PRO C 25 -9.54 23.26 5.45
N GLY C 26 -10.12 23.08 4.27
CA GLY C 26 -9.40 23.26 3.03
C GLY C 26 -9.29 24.69 2.57
N GLY C 27 -9.89 25.62 3.31
CA GLY C 27 -9.85 27.00 2.90
C GLY C 27 -11.21 27.63 3.04
N ARG C 28 -12.04 27.58 2.01
CA ARG C 28 -13.27 28.34 2.12
C ARG C 28 -14.25 27.83 1.08
N ILE C 29 -15.52 27.79 1.45
CA ILE C 29 -16.58 27.47 0.51
C ILE C 29 -17.49 28.67 0.35
N HIS C 30 -17.71 29.08 -0.90
CA HIS C 30 -18.70 30.10 -1.19
C HIS C 30 -20.02 29.40 -1.46
N LEU C 31 -21.10 30.01 -1.03
CA LEU C 31 -22.41 29.41 -1.23
C LEU C 31 -23.47 30.50 -1.27
N VAL C 32 -24.62 30.15 -1.80
CA VAL C 32 -25.79 31.03 -1.84
C VAL C 32 -26.92 30.27 -1.16
N GLU C 33 -27.48 30.86 -0.11
CA GLU C 33 -28.55 30.23 0.63
C GLU C 33 -29.82 31.05 0.53
N GLN C 34 -30.95 30.36 0.68
CA GLN C 34 -32.27 30.98 0.66
C GLN C 34 -33.22 30.13 1.50
N GLY C 35 -34.04 30.80 2.29
CA GLY C 35 -35.05 30.13 3.08
C GLY C 35 -34.63 29.93 4.52
N THR C 36 -35.59 29.37 5.26
CA THR C 36 -35.52 29.10 6.68
C THR C 36 -36.01 27.67 6.90
N GLY C 37 -35.36 26.97 7.82
CA GLY C 37 -35.79 25.63 8.15
C GLY C 37 -34.67 24.62 8.05
N PRO C 38 -35.04 23.35 7.91
CA PRO C 38 -34.02 22.30 7.82
C PRO C 38 -33.13 22.56 6.62
N LEU C 39 -31.84 22.30 6.80
CA LEU C 39 -30.82 22.66 5.81
C LEU C 39 -30.77 21.65 4.68
N VAL C 40 -30.86 22.15 3.44
CA VAL C 40 -30.69 21.32 2.25
C VAL C 40 -29.45 21.85 1.52
N LEU C 41 -28.36 21.10 1.61
CA LEU C 41 -27.13 21.43 0.94
C LEU C 41 -27.18 20.90 -0.49
N LEU C 42 -27.02 21.79 -1.47
CA LEU C 42 -27.05 21.46 -2.89
C LEU C 42 -25.63 21.48 -3.45
N VAL C 43 -25.27 20.45 -4.21
CA VAL C 43 -23.90 20.25 -4.73
C VAL C 43 -23.98 20.04 -6.24
N HIS C 44 -23.51 21.02 -7.00
CA HIS C 44 -23.57 21.06 -8.46
C HIS C 44 -22.52 20.14 -9.09
N GLY C 45 -22.64 19.93 -10.41
CA GLY C 45 -21.75 19.06 -11.13
C GLY C 45 -20.76 19.81 -12.01
N PHE C 46 -20.27 19.10 -13.06
CA PHE C 46 -19.26 19.59 -13.98
C PHE C 46 -19.89 19.87 -15.33
N PRO C 47 -19.59 21.01 -15.98
CA PRO C 47 -18.83 22.17 -15.47
C PRO C 47 -19.83 23.27 -15.04
N GLU C 48 -20.28 23.22 -13.80
CA GLU C 48 -21.40 24.08 -13.41
C GLU C 48 -21.03 25.07 -12.29
N SER C 49 -21.97 25.33 -11.38
CA SER C 49 -21.88 26.46 -10.48
C SER C 49 -22.97 26.28 -9.43
N TRP C 50 -22.84 27.02 -8.32
CA TRP C 50 -23.97 27.15 -7.40
C TRP C 50 -25.20 27.60 -8.18
N TYR C 51 -24.96 28.39 -9.23
CA TYR C 51 -26.00 29.00 -10.05
C TYR C 51 -26.83 27.97 -10.79
N SER C 52 -26.34 26.73 -10.87
CA SER C 52 -27.15 25.69 -11.51
C SER C 52 -28.40 25.38 -10.72
N TRP C 53 -28.46 25.74 -9.44
CA TRP C 53 -29.58 25.46 -8.57
C TRP C 53 -30.53 26.64 -8.44
N ARG C 54 -30.39 27.66 -9.30
CA ARG C 54 -31.15 28.90 -9.14
C ARG C 54 -32.67 28.66 -9.10
N HIS C 55 -33.18 27.70 -9.86
CA HIS C 55 -34.61 27.45 -9.82
C HIS C 55 -35.02 26.67 -8.58
N GLN C 56 -34.08 25.99 -7.91
CA GLN C 56 -34.44 25.24 -6.72
C GLN C 56 -34.42 26.07 -5.46
N LEU C 57 -33.56 27.09 -5.40
CA LEU C 57 -33.43 27.87 -4.16
C LEU C 57 -34.74 28.53 -3.77
N PRO C 58 -35.46 29.25 -4.64
CA PRO C 58 -36.74 29.80 -4.20
C PRO C 58 -37.78 28.73 -3.93
N ALA C 59 -37.75 27.63 -4.69
CA ALA C 59 -38.73 26.57 -4.48
C ALA C 59 -38.53 25.92 -3.12
N LEU C 60 -37.28 25.62 -2.78
CA LEU C 60 -37.00 25.04 -1.47
C LEU C 60 -37.35 26.00 -0.33
N ALA C 61 -37.09 27.30 -0.52
CA ALA C 61 -37.45 28.30 0.48
C ALA C 61 -38.96 28.38 0.67
N ALA C 62 -39.71 28.34 -0.44
CA ALA C 62 -41.17 28.42 -0.33
C ALA C 62 -41.74 27.20 0.37
N ALA C 63 -41.08 26.04 0.25
CA ALA C 63 -41.55 24.80 0.85
C ALA C 63 -41.15 24.63 2.32
N GLY C 64 -40.44 25.59 2.90
CA GLY C 64 -40.02 25.53 4.28
C GLY C 64 -38.59 25.07 4.53
N TYR C 65 -37.70 25.17 3.56
CA TYR C 65 -36.33 24.71 3.76
C TYR C 65 -35.34 25.84 3.53
N ARG C 66 -34.20 25.70 4.19
CA ARG C 66 -33.05 26.57 3.98
C ARG C 66 -32.14 25.85 3.01
N ALA C 67 -32.14 26.29 1.75
CA ALA C 67 -31.30 25.69 0.72
C ALA C 67 -29.99 26.44 0.64
N ALA C 68 -28.87 25.71 0.59
CA ALA C 68 -27.55 26.31 0.49
C ALA C 68 -26.88 25.64 -0.70
N ALA C 69 -26.62 26.43 -1.73
CA ALA C 69 -25.98 25.96 -2.95
C ALA C 69 -24.54 26.44 -2.93
N ILE C 70 -23.61 25.50 -2.83
CA ILE C 70 -22.20 25.86 -2.76
C ILE C 70 -21.63 25.97 -4.17
N ASP C 71 -20.48 26.63 -4.24
CA ASP C 71 -19.51 26.40 -5.29
C ASP C 71 -18.62 25.28 -4.79
N VAL C 72 -18.55 24.18 -5.55
CA VAL C 72 -17.70 23.06 -5.17
C VAL C 72 -16.24 23.52 -5.19
N ARG C 73 -15.43 22.92 -4.32
CA ARG C 73 -14.00 23.21 -4.34
C ARG C 73 -13.47 23.16 -5.76
N GLY C 74 -12.75 24.22 -6.16
CA GLY C 74 -12.32 24.42 -7.52
C GLY C 74 -13.22 25.32 -8.35
N TYR C 75 -14.40 25.69 -7.85
CA TYR C 75 -15.35 26.44 -8.65
C TYR C 75 -15.62 27.80 -8.04
N GLY C 76 -15.97 28.74 -8.93
CA GLY C 76 -16.41 30.06 -8.54
C GLY C 76 -15.62 30.71 -7.43
N ARG C 77 -16.28 31.05 -6.34
CA ARG C 77 -15.63 31.79 -5.27
C ARG C 77 -15.11 30.90 -4.17
N SER C 78 -15.18 29.57 -4.36
CA SER C 78 -14.64 28.67 -3.36
C SER C 78 -13.14 28.50 -3.58
N ALA C 79 -12.46 28.00 -2.55
CA ALA C 79 -11.03 27.76 -2.62
C ALA C 79 -10.71 26.80 -3.76
N LYS C 80 -9.55 27.03 -4.40
CA LYS C 80 -9.05 26.22 -5.51
C LYS C 80 -7.59 25.91 -5.22
N PRO C 81 -7.34 24.92 -4.37
CA PRO C 81 -5.93 24.59 -4.04
C PRO C 81 -5.19 24.11 -5.29
N ALA C 82 -3.87 24.27 -5.26
CA ALA C 82 -3.04 23.97 -6.44
C ALA C 82 -2.90 22.47 -6.65
N ALA C 83 -2.71 21.70 -5.56
CA ALA C 83 -2.45 20.27 -5.71
C ALA C 83 -3.66 19.54 -6.29
N THR C 84 -3.39 18.64 -7.23
CA THR C 84 -4.44 17.86 -7.85
C THR C 84 -5.23 17.03 -6.81
N ASP C 85 -4.53 16.37 -5.89
CA ASP C 85 -5.20 15.51 -4.94
C ASP C 85 -5.90 16.27 -3.83
N ALA C 86 -5.84 17.59 -3.85
CA ALA C 86 -6.69 18.34 -2.94
C ALA C 86 -8.14 18.32 -3.37
N TYR C 87 -8.45 17.70 -4.50
CA TYR C 87 -9.82 17.58 -4.97
C TYR C 87 -10.34 16.16 -4.80
N ARG C 88 -9.67 15.37 -3.97
CA ARG C 88 -10.15 14.02 -3.69
C ARG C 88 -11.45 14.08 -2.89
N MET C 89 -12.22 13.01 -3.01
CA MET C 89 -13.54 12.93 -2.41
C MET C 89 -13.54 13.30 -0.92
N LEU C 90 -12.53 12.89 -0.16
CA LEU C 90 -12.58 13.24 1.26
C LEU C 90 -12.51 14.72 1.47
N ALA C 91 -11.90 15.46 0.54
CA ALA C 91 -11.88 16.91 0.67
C ALA C 91 -13.27 17.49 0.42
N HIS C 92 -13.97 16.98 -0.60
CA HIS C 92 -15.32 17.49 -0.82
C HIS C 92 -16.18 17.20 0.40
N VAL C 93 -15.97 16.06 1.05
CA VAL C 93 -16.81 15.71 2.19
C VAL C 93 -16.51 16.60 3.38
N ALA C 94 -15.22 16.89 3.63
CA ALA C 94 -14.93 17.82 4.71
C ALA C 94 -15.51 19.20 4.40
N ASP C 95 -15.49 19.59 3.13
CA ASP C 95 -16.08 20.86 2.75
C ASP C 95 -17.55 20.91 3.13
N ASN C 96 -18.29 19.85 2.81
CA ASN C 96 -19.73 19.82 3.11
C ASN C 96 -19.95 19.81 4.62
N THR C 97 -19.20 18.98 5.34
CA THR C 97 -19.35 18.88 6.79
C THR C 97 -19.09 20.24 7.43
N ALA C 98 -18.02 20.92 7.01
CA ALA C 98 -17.69 22.20 7.60
C ALA C 98 -18.72 23.26 7.25
N VAL C 99 -19.36 23.14 6.08
CA VAL C 99 -20.38 24.12 5.71
C VAL C 99 -21.61 23.97 6.58
N VAL C 100 -22.04 22.73 6.83
CA VAL C 100 -23.18 22.51 7.70
C VAL C 100 -22.91 23.11 9.07
N HIS C 101 -21.73 22.86 9.61
CA HIS C 101 -21.37 23.40 10.91
C HIS C 101 -21.24 24.92 10.86
N ALA C 102 -20.63 25.47 9.80
CA ALA C 102 -20.50 26.92 9.72
C ALA C 102 -21.86 27.61 9.63
N LEU C 103 -22.88 26.94 9.09
CA LEU C 103 -24.21 27.52 9.00
C LEU C 103 -25.02 27.32 10.29
N GLY C 104 -24.40 26.83 11.35
CA GLY C 104 -25.11 26.67 12.60
C GLY C 104 -25.96 25.42 12.69
N GLU C 105 -25.79 24.45 11.79
CA GLU C 105 -26.61 23.26 11.83
C GLU C 105 -25.76 22.07 12.25
N GLU C 106 -26.45 21.03 12.72
CA GLU C 106 -25.80 19.80 13.10
C GLU C 106 -26.05 18.69 12.09
N THR C 107 -27.17 18.76 11.38
CA THR C 107 -27.47 17.79 10.35
C THR C 107 -27.97 18.51 9.12
N ALA C 108 -28.09 17.78 8.03
CA ALA C 108 -28.56 18.39 6.80
C ALA C 108 -28.98 17.29 5.84
N THR C 109 -29.79 17.69 4.87
CA THR C 109 -30.04 16.86 3.72
C THR C 109 -29.13 17.38 2.62
N VAL C 110 -28.36 16.48 2.01
CA VAL C 110 -27.44 16.82 0.94
C VAL C 110 -28.01 16.28 -0.37
N VAL C 111 -28.07 17.14 -1.38
CA VAL C 111 -28.57 16.76 -2.69
C VAL C 111 -27.51 17.16 -3.70
N GLY C 112 -27.09 16.21 -4.52
CA GLY C 112 -26.01 16.45 -5.47
C GLY C 112 -26.37 16.00 -6.87
N HIS C 113 -25.90 16.77 -7.84
CA HIS C 113 -26.14 16.46 -9.24
C HIS C 113 -24.81 16.23 -9.95
N ASP C 114 -24.78 15.23 -10.83
CA ASP C 114 -23.61 14.88 -11.65
C ASP C 114 -22.44 14.58 -10.71
N TRP C 115 -21.29 15.25 -10.83
CA TRP C 115 -20.21 14.97 -9.88
C TRP C 115 -20.65 15.28 -8.44
N GLY C 116 -21.60 16.19 -8.26
CA GLY C 116 -22.16 16.39 -6.94
C GLY C 116 -22.90 15.19 -6.40
N SER C 117 -23.32 14.27 -7.29
CA SER C 117 -23.98 13.07 -6.79
C SER C 117 -23.03 12.18 -6.00
N PRO C 118 -21.86 11.77 -6.51
CA PRO C 118 -20.94 11.01 -5.64
C PRO C 118 -20.44 11.81 -4.44
N ILE C 119 -20.33 13.14 -4.57
CA ILE C 119 -19.91 13.95 -3.44
C ILE C 119 -20.97 13.89 -2.34
N ALA C 120 -22.23 14.00 -2.74
CA ALA C 120 -23.30 13.88 -1.77
C ALA C 120 -23.41 12.46 -1.25
N ALA C 121 -23.33 11.47 -2.16
CA ALA C 121 -23.42 10.08 -1.73
C ALA C 121 -22.35 9.74 -0.71
N ASN C 122 -21.11 10.17 -0.94
CA ASN C 122 -20.04 9.85 0.02
C ASN C 122 -20.15 10.68 1.28
N SER C 123 -20.70 11.89 1.19
CA SER C 123 -21.00 12.64 2.41
C SER C 123 -22.00 11.88 3.28
N ALA C 124 -23.04 11.32 2.66
CA ALA C 124 -24.01 10.54 3.42
C ALA C 124 -23.37 9.26 3.96
N LEU C 125 -22.48 8.67 3.16
CA LEU C 125 -21.84 7.41 3.54
C LEU C 125 -20.86 7.61 4.70
N LEU C 126 -20.03 8.65 4.65
CA LEU C 126 -18.96 8.78 5.66
C LEU C 126 -19.46 9.46 6.93
N ARG C 127 -20.38 10.41 6.82
CA ARG C 127 -20.91 11.13 7.97
C ARG C 127 -22.43 11.01 7.98
N PRO C 128 -22.96 9.79 8.15
CA PRO C 128 -24.43 9.64 8.19
C PRO C 128 -25.07 10.32 9.39
N ASP C 129 -24.29 10.67 10.42
CA ASP C 129 -24.82 11.44 11.55
C ASP C 129 -25.01 12.91 11.21
N VAL C 130 -24.33 13.41 10.18
CA VAL C 130 -24.53 14.78 9.71
C VAL C 130 -25.52 14.80 8.54
N PHE C 131 -25.28 13.98 7.54
CA PHE C 131 -26.12 13.95 6.34
C PHE C 131 -27.14 12.83 6.51
N THR C 132 -28.31 13.21 6.99
CA THR C 132 -29.28 12.24 7.44
C THR C 132 -30.23 11.83 6.32
N ALA C 133 -30.11 12.47 5.17
CA ALA C 133 -30.85 12.13 3.96
C ALA C 133 -30.01 12.61 2.79
N VAL C 134 -30.16 11.96 1.65
CA VAL C 134 -29.33 12.27 0.50
C VAL C 134 -30.16 12.22 -0.77
N GLY C 135 -30.04 13.25 -1.60
CA GLY C 135 -30.65 13.27 -2.92
C GLY C 135 -29.52 13.13 -3.94
N LEU C 136 -29.74 12.29 -4.97
CA LEU C 136 -28.76 12.06 -6.01
C LEU C 136 -29.40 12.29 -7.38
N LEU C 137 -28.84 13.21 -8.15
CA LEU C 137 -29.40 13.51 -9.45
C LEU C 137 -28.45 13.10 -10.56
N SER C 138 -29.02 12.50 -11.61
CA SER C 138 -28.36 12.11 -12.85
C SER C 138 -27.36 10.97 -12.73
N VAL C 139 -26.48 11.00 -11.74
CA VAL C 139 -25.46 9.97 -11.58
C VAL C 139 -25.90 9.03 -10.47
N PRO C 140 -26.15 7.75 -10.77
CA PRO C 140 -26.56 6.81 -9.72
C PRO C 140 -25.45 6.57 -8.71
N TYR C 141 -25.83 6.08 -7.55
CA TYR C 141 -24.87 5.65 -6.56
C TYR C 141 -24.35 4.27 -6.92
N ALA C 142 -23.03 4.13 -6.94
CA ALA C 142 -22.39 2.82 -7.06
C ALA C 142 -21.40 2.71 -5.91
N PRO C 143 -21.52 1.71 -5.05
CA PRO C 143 -20.55 1.55 -3.96
C PRO C 143 -19.16 1.35 -4.50
N ARG C 144 -18.16 1.69 -3.68
CA ARG C 144 -16.78 1.51 -4.09
C ARG C 144 -16.53 0.06 -4.51
N GLY C 145 -15.98 -0.17 -5.70
CA GLY C 145 -15.76 -1.54 -6.15
C GLY C 145 -14.26 -1.84 -6.13
N GLU C 146 -13.85 -3.07 -6.49
CA GLU C 146 -12.44 -3.32 -6.34
C GLU C 146 -11.64 -2.98 -7.63
N HIS C 147 -12.26 -2.56 -8.71
CA HIS C 147 -11.44 -2.36 -9.89
C HIS C 147 -11.00 -0.91 -9.94
N ARG C 148 -9.73 -0.69 -10.27
CA ARG C 148 -9.21 0.66 -10.41
C ARG C 148 -9.96 1.37 -11.52
N PRO C 149 -10.58 2.52 -11.22
CA PRO C 149 -11.38 3.20 -12.26
C PRO C 149 -10.64 3.49 -13.56
N THR C 150 -9.40 4.02 -13.50
CA THR C 150 -8.73 4.37 -14.74
C THR C 150 -8.47 3.14 -15.61
N ASP C 151 -8.26 1.97 -15.01
CA ASP C 151 -8.15 0.75 -15.81
C ASP C 151 -9.46 0.46 -16.53
N GLY C 152 -10.60 0.78 -15.91
CA GLY C 152 -11.87 0.56 -16.57
C GLY C 152 -12.09 1.53 -17.71
N PHE C 153 -11.91 2.83 -17.45
CA PHE C 153 -12.01 3.86 -18.48
C PHE C 153 -11.07 3.61 -19.66
N ALA C 154 -9.97 2.86 -19.48
CA ALA C 154 -8.99 2.67 -20.54
C ALA C 154 -9.58 1.83 -21.65
N ARG C 155 -9.70 0.54 -21.38
CA ARG C 155 -10.29 -0.42 -22.30
C ARG C 155 -11.78 -0.24 -22.54
N ILE C 156 -12.37 0.98 -22.27
CA ILE C 156 -13.66 1.24 -22.88
C ILE C 156 -13.36 1.99 -24.18
N GLY C 157 -14.17 1.77 -25.17
CA GLY C 157 -13.98 2.46 -26.42
C GLY C 157 -13.00 1.80 -27.40
N GLY C 158 -11.78 1.45 -26.92
CA GLY C 158 -10.71 0.80 -27.72
C GLY C 158 -9.58 1.77 -27.96
N ASP C 159 -8.86 1.60 -29.06
CA ASP C 159 -9.34 2.64 -29.99
C ASP C 159 -9.70 4.03 -29.52
N GLU C 160 -10.96 4.45 -29.43
CA GLU C 160 -11.09 5.87 -29.12
C GLU C 160 -10.92 6.05 -27.62
N GLU C 161 -10.57 7.29 -27.22
CA GLU C 161 -10.29 7.58 -25.82
C GLU C 161 -11.55 8.09 -25.14
N PHE C 162 -12.01 7.36 -24.13
CA PHE C 162 -13.15 7.81 -23.33
C PHE C 162 -12.83 9.15 -22.72
N TYR C 163 -13.79 10.06 -22.72
CA TYR C 163 -13.48 11.43 -22.32
C TYR C 163 -12.90 11.51 -20.91
N VAL C 164 -13.25 10.56 -20.03
CA VAL C 164 -12.71 10.62 -18.68
C VAL C 164 -11.21 10.35 -18.69
N SER C 165 -10.75 9.46 -19.57
CA SER C 165 -9.32 9.28 -19.76
C SER C 165 -8.71 10.54 -20.34
N TYR C 166 -9.44 11.18 -21.25
CA TYR C 166 -8.99 12.42 -21.85
C TYR C 166 -8.81 13.50 -20.78
N PHE C 167 -9.61 13.47 -19.72
CA PHE C 167 -9.52 14.50 -18.69
C PHE C 167 -8.37 14.26 -17.72
N GLN C 168 -7.72 13.09 -17.78
CA GLN C 168 -6.73 12.74 -16.75
C GLN C 168 -5.47 13.59 -16.83
N ALA C 169 -4.97 13.87 -18.02
CA ALA C 169 -3.66 14.52 -18.14
C ALA C 169 -3.79 16.02 -17.86
N PRO C 170 -2.99 16.56 -16.92
CA PRO C 170 -3.09 18.01 -16.61
C PRO C 170 -2.73 18.83 -17.83
N GLY C 171 -3.49 19.91 -18.03
CA GLY C 171 -3.29 20.81 -19.16
C GLY C 171 -3.94 20.38 -20.46
N ARG C 172 -4.27 19.10 -20.61
CA ARG C 172 -4.80 18.60 -21.88
C ARG C 172 -6.22 19.10 -22.14
N ALA C 173 -7.17 18.76 -21.27
CA ALA C 173 -8.50 19.32 -21.49
C ALA C 173 -8.48 20.84 -21.35
N GLU C 174 -7.63 21.38 -20.46
CA GLU C 174 -7.59 22.84 -20.28
C GLU C 174 -7.20 23.54 -21.57
N ALA C 175 -6.18 23.04 -22.27
CA ALA C 175 -5.77 23.69 -23.51
C ALA C 175 -6.92 23.68 -24.52
N GLU C 176 -7.69 22.59 -24.59
CA GLU C 176 -8.83 22.54 -25.49
C GLU C 176 -9.91 23.55 -25.09
N ILE C 177 -10.26 23.59 -23.80
CA ILE C 177 -11.35 24.45 -23.38
C ILE C 177 -10.94 25.91 -23.50
N GLU C 178 -9.71 26.24 -23.13
CA GLU C 178 -9.27 27.62 -23.10
C GLU C 178 -9.23 28.26 -24.48
N ARG C 179 -9.28 27.47 -25.55
CA ARG C 179 -9.36 28.06 -26.88
C ARG C 179 -10.54 29.00 -26.98
N ASP C 180 -11.63 28.68 -26.27
CA ASP C 180 -12.85 29.47 -26.28
C ASP C 180 -13.72 28.91 -25.17
N VAL C 181 -13.51 29.40 -23.94
CA VAL C 181 -14.23 28.86 -22.78
C VAL C 181 -15.72 28.90 -23.03
N ARG C 182 -16.23 30.06 -23.45
CA ARG C 182 -17.67 30.22 -23.71
C ARG C 182 -18.19 29.26 -24.78
N GLY C 183 -17.51 29.18 -25.92
CA GLY C 183 -17.95 28.26 -26.97
C GLY C 183 -17.92 26.81 -26.49
N TRP C 184 -16.87 26.41 -25.78
CA TRP C 184 -16.80 25.05 -25.26
C TRP C 184 -17.95 24.77 -24.29
N LEU C 185 -18.19 25.69 -23.36
CA LEU C 185 -19.29 25.51 -22.41
C LEU C 185 -20.61 25.34 -23.14
N ALA C 186 -20.91 26.26 -24.06
CA ALA C 186 -22.16 26.20 -24.81
C ALA C 186 -22.33 24.88 -25.56
N GLY C 187 -21.27 24.43 -26.24
CA GLY C 187 -21.36 23.17 -26.96
C GLY C 187 -21.66 22.01 -26.04
N PHE C 188 -20.99 21.98 -24.88
CA PHE C 188 -21.19 20.91 -23.92
C PHE C 188 -22.58 20.96 -23.30
N TYR C 189 -23.02 22.16 -22.85
CA TYR C 189 -24.37 22.30 -22.32
C TYR C 189 -25.40 21.87 -23.35
N THR C 190 -25.22 22.30 -24.59
CA THR C 190 -26.16 21.97 -25.66
C THR C 190 -26.15 20.48 -25.95
N GLY C 191 -24.97 19.88 -26.07
CA GLY C 191 -24.86 18.49 -26.46
C GLY C 191 -25.56 17.52 -25.53
N LEU C 192 -25.58 17.82 -24.23
CA LEU C 192 -26.16 16.93 -23.24
C LEU C 192 -27.58 17.31 -22.86
N THR C 193 -28.14 18.32 -23.52
CA THR C 193 -29.55 18.65 -23.31
C THR C 193 -30.42 17.58 -23.96
N GLY C 194 -31.51 17.23 -23.28
CA GLY C 194 -32.41 16.20 -23.74
C GLY C 194 -32.88 16.42 -25.16
N GLY C 195 -32.58 15.45 -26.03
CA GLY C 195 -33.04 15.53 -27.40
C GLY C 195 -32.14 16.29 -28.35
N ALA C 196 -30.99 16.78 -27.89
CA ALA C 196 -30.17 17.62 -28.77
C ALA C 196 -29.45 16.81 -29.83
N LEU C 197 -29.10 15.56 -29.54
CA LEU C 197 -28.40 14.73 -30.50
C LEU C 197 -29.11 13.39 -30.66
N THR C 198 -28.86 12.76 -31.83
CA THR C 198 -29.22 11.36 -32.08
C THR C 198 -28.34 10.46 -31.21
N PRO C 199 -28.73 9.19 -31.01
CA PRO C 199 -27.91 8.30 -30.12
C PRO C 199 -26.45 8.03 -30.55
N GLU C 200 -26.12 7.38 -31.74
CA GLU C 200 -25.15 7.92 -32.70
C GLU C 200 -24.43 9.20 -32.40
N GLU C 201 -25.00 10.39 -32.46
CA GLU C 201 -24.17 11.54 -32.09
C GLU C 201 -23.87 11.53 -30.59
N HIS C 202 -24.89 11.25 -29.77
CA HIS C 202 -24.74 11.26 -28.31
C HIS C 202 -23.62 10.35 -27.84
N GLY C 203 -23.52 9.15 -28.40
CA GLY C 203 -22.53 8.21 -27.92
C GLY C 203 -21.11 8.63 -28.25
N ARG C 204 -20.90 9.13 -29.47
CA ARG C 204 -19.57 9.57 -29.92
C ARG C 204 -19.08 10.80 -29.18
N LEU C 205 -19.98 11.59 -28.58
CA LEU C 205 -19.56 12.79 -27.87
C LEU C 205 -18.63 12.46 -26.71
N PHE C 206 -18.74 11.26 -26.16
CA PHE C 206 -17.96 10.89 -24.99
C PHE C 206 -16.64 10.24 -25.33
N PHE C 207 -16.27 10.21 -26.61
CA PHE C 207 -15.03 9.60 -27.05
C PHE C 207 -14.24 10.60 -27.90
N VAL C 208 -12.93 10.60 -27.73
CA VAL C 208 -12.05 11.51 -28.46
C VAL C 208 -11.16 10.66 -29.38
N PRO C 209 -11.30 10.76 -30.69
CA PRO C 209 -10.36 10.07 -31.57
C PRO C 209 -8.96 10.60 -31.36
N PRO C 210 -7.94 9.77 -31.52
CA PRO C 210 -6.57 10.24 -31.28
C PRO C 210 -6.26 11.49 -32.11
N GLY C 211 -5.71 12.50 -31.44
CA GLY C 211 -5.41 13.77 -32.06
C GLY C 211 -6.57 14.74 -32.16
N ALA C 212 -7.79 14.32 -31.82
CA ALA C 212 -8.92 15.21 -31.96
C ALA C 212 -9.19 15.96 -30.65
N HIS C 213 -10.18 16.83 -30.68
CA HIS C 213 -10.62 17.52 -29.48
C HIS C 213 -12.00 16.99 -29.13
N LEU C 214 -12.28 16.92 -27.82
CA LEU C 214 -13.60 16.45 -27.40
C LEU C 214 -14.69 17.31 -28.02
N ALA C 215 -14.49 18.62 -28.04
CA ALA C 215 -15.50 19.55 -28.53
C ALA C 215 -15.71 19.48 -30.04
N ASP C 216 -14.87 18.71 -30.75
CA ASP C 216 -15.08 18.58 -32.19
C ASP C 216 -16.41 17.93 -32.50
N ARG C 217 -16.96 17.16 -31.55
CA ARG C 217 -18.28 16.57 -31.68
C ARG C 217 -19.34 17.32 -30.89
N PHE C 218 -19.05 18.54 -30.47
CA PHE C 218 -20.12 19.30 -29.81
C PHE C 218 -21.03 19.88 -30.87
N PRO C 219 -22.33 19.96 -30.61
CA PRO C 219 -23.22 20.59 -31.58
C PRO C 219 -23.02 22.10 -31.58
N THR C 220 -23.41 22.70 -32.69
CA THR C 220 -23.36 24.14 -32.84
C THR C 220 -24.79 24.66 -32.97
N GLY C 221 -24.94 25.96 -33.01
CA GLY C 221 -26.27 26.51 -33.14
C GLY C 221 -26.83 27.07 -31.85
N PRO C 222 -28.16 27.11 -31.76
CA PRO C 222 -28.81 27.86 -30.69
C PRO C 222 -28.62 27.25 -29.32
N LEU C 223 -28.61 28.11 -28.30
CA LEU C 223 -28.51 27.64 -26.95
C LEU C 223 -29.75 26.81 -26.62
N PRO C 224 -29.63 25.84 -25.72
CA PRO C 224 -30.80 25.07 -25.30
C PRO C 224 -31.80 25.94 -24.57
N ALA C 225 -32.99 25.39 -24.39
CA ALA C 225 -34.09 26.17 -23.83
C ALA C 225 -33.85 26.56 -22.37
N TRP C 226 -33.13 25.76 -21.61
CA TRP C 226 -32.89 26.05 -20.21
C TRP C 226 -31.78 27.08 -19.99
N LEU C 227 -31.01 27.42 -21.04
CA LEU C 227 -29.85 28.29 -20.89
C LEU C 227 -30.03 29.53 -21.77
N THR C 228 -30.30 30.66 -21.13
CA THR C 228 -30.36 31.91 -21.85
C THR C 228 -28.96 32.42 -22.12
N GLU C 229 -28.87 33.47 -22.95
CA GLU C 229 -27.57 34.07 -23.15
C GLU C 229 -27.05 34.66 -21.84
N ALA C 230 -27.95 35.23 -21.03
CA ALA C 230 -27.53 35.75 -19.72
C ALA C 230 -27.12 34.63 -18.78
N ASP C 231 -27.75 33.46 -18.88
CA ASP C 231 -27.31 32.31 -18.11
C ASP C 231 -25.89 31.90 -18.51
N LEU C 232 -25.64 31.86 -19.82
CA LEU C 232 -24.31 31.50 -20.31
C LEU C 232 -23.26 32.53 -19.88
N ASP C 233 -23.64 33.81 -19.84
CA ASP C 233 -22.74 34.85 -19.34
C ASP C 233 -22.32 34.56 -17.90
N VAL C 234 -23.24 34.09 -17.06
CA VAL C 234 -22.88 33.77 -15.68
C VAL C 234 -21.86 32.64 -15.66
N TYR C 235 -22.21 31.51 -16.29
CA TYR C 235 -21.31 30.36 -16.30
C TYR C 235 -19.96 30.74 -16.89
N SER C 236 -19.97 31.35 -18.08
CA SER C 236 -18.71 31.66 -18.73
C SER C 236 -17.94 32.73 -17.94
N GLY C 237 -18.64 33.67 -17.31
CA GLY C 237 -17.97 34.65 -16.46
C GLY C 237 -17.27 34.02 -15.28
N GLU C 238 -17.76 32.88 -14.78
CA GLU C 238 -17.10 32.20 -13.69
C GLU C 238 -15.83 31.49 -14.16
N PHE C 239 -15.96 30.65 -15.18
CA PHE C 239 -14.82 29.88 -15.65
C PHE C 239 -13.79 30.75 -16.36
N GLU C 240 -14.18 31.89 -16.91
CA GLU C 240 -13.15 32.80 -17.41
C GLU C 240 -12.30 33.34 -16.27
N ARG C 241 -12.77 33.23 -15.04
CA ARG C 241 -11.98 33.67 -13.90
C ARG C 241 -11.32 32.53 -13.17
N SER C 242 -12.03 31.41 -13.00
CA SER C 242 -11.51 30.29 -12.23
C SER C 242 -10.62 29.38 -13.08
N GLY C 243 -10.81 29.32 -14.40
CA GLY C 243 -10.19 28.27 -15.17
C GLY C 243 -10.89 26.96 -14.87
N LEU C 244 -10.48 25.93 -15.58
CA LEU C 244 -11.15 24.63 -15.51
C LEU C 244 -10.39 23.58 -14.74
N THR C 245 -9.18 23.90 -14.25
CA THR C 245 -8.37 22.88 -13.60
C THR C 245 -9.05 22.38 -12.32
N GLY C 246 -9.57 23.27 -11.49
CA GLY C 246 -10.24 22.81 -10.28
C GLY C 246 -11.38 21.87 -10.59
N ALA C 247 -12.18 22.21 -11.59
CA ALA C 247 -13.28 21.35 -12.00
C ALA C 247 -12.76 20.02 -12.53
N LEU C 248 -11.74 20.05 -13.40
CA LEU C 248 -11.22 18.82 -13.99
C LEU C 248 -10.48 17.96 -12.97
N ASN C 249 -9.88 18.59 -11.96
CA ASN C 249 -9.14 17.81 -10.95
C ASN C 249 -10.05 16.84 -10.25
N ARG C 250 -11.35 17.14 -10.23
CA ARG C 250 -12.34 16.18 -9.75
C ARG C 250 -12.20 14.83 -10.47
N TYR C 251 -12.14 14.85 -11.81
CA TYR C 251 -11.96 13.61 -12.57
C TYR C 251 -10.59 13.01 -12.32
N ARG C 252 -9.61 13.84 -11.99
CA ARG C 252 -8.27 13.33 -11.83
C ARG C 252 -8.06 12.70 -10.49
N ASN C 253 -9.12 12.51 -9.70
CA ASN C 253 -9.00 11.82 -8.42
C ASN C 253 -9.79 10.50 -8.35
N VAL C 254 -10.29 9.99 -9.47
CA VAL C 254 -11.10 8.78 -9.42
C VAL C 254 -10.32 7.61 -8.82
N ASP C 255 -9.02 7.49 -9.17
CA ASP C 255 -8.22 6.41 -8.59
C ASP C 255 -7.96 6.66 -7.11
N ARG C 256 -7.48 7.87 -6.76
CA ARG C 256 -7.28 8.19 -5.35
CA ARG C 256 -7.28 8.22 -5.36
C ARG C 256 -8.56 7.98 -4.56
N ASP C 257 -9.71 8.40 -5.11
CA ASP C 257 -10.96 8.18 -4.39
C ASP C 257 -11.22 6.69 -4.18
N TRP C 258 -10.96 5.90 -5.21
CA TRP C 258 -11.15 4.45 -5.13
C TRP C 258 -10.30 3.85 -4.02
N GLU C 259 -9.10 4.40 -3.81
CA GLU C 259 -8.26 3.97 -2.70
C GLU C 259 -8.81 4.48 -1.37
N ASP C 260 -9.09 5.78 -1.27
CA ASP C 260 -9.53 6.35 -0.01
C ASP C 260 -10.83 5.73 0.50
N LEU C 261 -11.73 5.40 -0.41
CA LEU C 261 -13.03 4.90 -0.01
C LEU C 261 -13.03 3.39 0.20
N ALA C 262 -11.87 2.76 0.21
CA ALA C 262 -11.82 1.30 0.38
C ALA C 262 -12.38 0.87 1.73
N ALA C 263 -12.33 1.75 2.74
CA ALA C 263 -12.92 1.36 4.02
C ALA C 263 -14.42 1.25 3.93
N TRP C 264 -15.03 1.76 2.87
CA TRP C 264 -16.46 1.62 2.62
C TRP C 264 -16.72 0.76 1.39
N HIS C 265 -15.82 -0.19 1.13
CA HIS C 265 -15.98 -1.10 0.00
C HIS C 265 -17.33 -1.80 0.06
N GLY C 266 -18.10 -1.66 -1.02
CA GLY C 266 -19.40 -2.30 -1.12
C GLY C 266 -20.44 -1.83 -0.13
N ALA C 267 -20.17 -0.76 0.62
CA ALA C 267 -21.07 -0.36 1.69
C ALA C 267 -22.33 0.31 1.11
N PRO C 268 -23.50 0.05 1.69
CA PRO C 268 -24.71 0.71 1.25
C PRO C 268 -24.99 2.00 2.01
N ILE C 269 -25.78 2.86 1.39
CA ILE C 269 -26.27 4.08 2.01
C ILE C 269 -27.66 3.78 2.54
N THR C 270 -27.79 3.81 3.87
CA THR C 270 -28.96 3.28 4.56
C THR C 270 -30.02 4.34 4.88
N GLN C 271 -29.61 5.58 5.12
CA GLN C 271 -30.57 6.63 5.44
C GLN C 271 -31.43 6.95 4.21
N PRO C 272 -32.53 7.69 4.38
CA PRO C 272 -33.42 7.97 3.24
C PRO C 272 -32.71 8.65 2.09
N SER C 273 -33.02 8.18 0.89
CA SER C 273 -32.39 8.67 -0.33
C SER C 273 -33.42 8.84 -1.43
N LEU C 274 -33.06 9.63 -2.43
CA LEU C 274 -33.90 9.94 -3.57
C LEU C 274 -33.01 9.97 -4.81
N PHE C 275 -33.47 9.39 -5.92
CA PHE C 275 -32.75 9.47 -7.18
C PHE C 275 -33.63 10.08 -8.25
N ILE C 276 -33.09 11.04 -8.99
CA ILE C 276 -33.76 11.62 -10.16
C ILE C 276 -32.77 11.63 -11.31
N GLY C 277 -33.14 11.00 -12.42
CA GLY C 277 -32.28 10.96 -13.58
C GLY C 277 -33.08 11.24 -14.83
N GLY C 278 -32.36 11.51 -15.91
CA GLY C 278 -32.97 11.79 -17.19
C GLY C 278 -32.92 10.54 -18.06
N ALA C 279 -34.01 10.29 -18.78
CA ALA C 279 -34.05 9.14 -19.68
C ALA C 279 -33.09 9.31 -20.84
N LEU C 280 -32.79 10.56 -21.21
CA LEU C 280 -31.85 10.89 -22.27
C LEU C 280 -30.49 11.29 -21.72
N ASP C 281 -30.23 10.96 -20.47
CA ASP C 281 -28.96 11.24 -19.81
C ASP C 281 -28.10 9.98 -19.90
N ALA C 282 -26.92 10.10 -20.52
CA ALA C 282 -26.01 8.95 -20.62
C ALA C 282 -25.60 8.45 -19.24
N SER C 283 -25.45 9.37 -18.27
CA SER C 283 -25.09 9.01 -16.90
C SER C 283 -26.11 8.04 -16.33
N THR C 284 -27.34 8.05 -16.84
CA THR C 284 -28.42 7.18 -16.39
C THR C 284 -28.34 5.82 -17.09
N THR C 285 -28.25 5.82 -18.41
CA THR C 285 -28.27 4.58 -19.18
C THR C 285 -26.95 3.79 -19.12
N TRP C 286 -25.80 4.44 -18.89
CA TRP C 286 -24.57 3.65 -18.79
C TRP C 286 -24.38 3.02 -17.42
N MET C 287 -25.16 3.41 -16.42
CA MET C 287 -25.03 2.88 -15.06
C MET C 287 -26.31 2.17 -14.65
N ALA C 288 -26.95 1.49 -15.60
CA ALA C 288 -28.13 0.69 -15.33
C ALA C 288 -27.90 -0.31 -14.20
N ASP C 289 -26.74 -0.97 -14.20
CA ASP C 289 -26.45 -1.93 -13.14
C ASP C 289 -26.54 -1.28 -11.76
N ALA C 290 -25.96 -0.07 -11.62
CA ALA C 290 -26.04 0.64 -10.34
C ALA C 290 -27.48 0.94 -9.99
N LEU C 291 -28.27 1.38 -10.97
CA LEU C 291 -29.67 1.66 -10.71
C LEU C 291 -30.42 0.39 -10.31
N ASP C 292 -30.06 -0.74 -10.93
CA ASP C 292 -30.73 -2.00 -10.65
C ASP C 292 -30.37 -2.58 -9.29
N ALA C 293 -29.18 -2.22 -8.76
CA ALA C 293 -28.70 -2.69 -7.47
C ALA C 293 -29.18 -1.83 -6.31
N TYR C 294 -29.99 -0.80 -6.58
CA TYR C 294 -30.49 0.08 -5.52
C TYR C 294 -31.14 -0.66 -4.34
N PRO C 295 -31.93 -1.72 -4.54
CA PRO C 295 -32.54 -2.38 -3.36
C PRO C 295 -31.52 -2.78 -2.31
N ALA C 296 -30.30 -3.11 -2.74
CA ALA C 296 -29.21 -3.43 -1.84
C ALA C 296 -28.31 -2.25 -1.55
N THR C 297 -28.01 -1.41 -2.56
CA THR C 297 -27.04 -0.34 -2.36
C THR C 297 -27.69 0.92 -1.76
N LEU C 298 -28.98 1.15 -2.02
CA LEU C 298 -29.71 2.26 -1.43
C LEU C 298 -31.00 1.74 -0.80
N PRO C 299 -30.89 0.93 0.26
CA PRO C 299 -32.10 0.33 0.85
C PRO C 299 -33.07 1.35 1.41
N GLY C 300 -32.66 2.59 1.64
CA GLY C 300 -33.57 3.61 2.12
C GLY C 300 -34.12 4.46 0.98
N LEU C 301 -33.98 3.95 -0.25
CA LEU C 301 -34.42 4.71 -1.40
C LEU C 301 -35.91 4.97 -1.34
N SER C 302 -36.28 6.24 -1.46
CA SER C 302 -37.69 6.61 -1.55
C SER C 302 -38.27 6.17 -2.89
N ALA C 303 -37.64 6.57 -3.98
CA ALA C 303 -38.02 6.18 -5.33
C ALA C 303 -36.90 6.60 -6.28
N ALA C 304 -36.83 5.93 -7.42
CA ALA C 304 -35.95 6.32 -8.51
C ALA C 304 -36.84 6.84 -9.63
N HIS C 305 -36.71 8.13 -9.93
CA HIS C 305 -37.51 8.77 -10.97
C HIS C 305 -36.65 8.97 -12.21
N ILE C 306 -37.14 8.50 -13.35
CA ILE C 306 -36.51 8.73 -14.64
C ILE C 306 -37.45 9.64 -15.40
N LEU C 307 -36.98 10.84 -15.76
CA LEU C 307 -37.81 11.84 -16.41
C LEU C 307 -37.70 11.70 -17.92
N GLU C 308 -38.85 11.49 -18.56
CA GLU C 308 -38.91 11.25 -19.99
C GLU C 308 -38.38 12.44 -20.78
N GLY C 309 -37.59 12.16 -21.82
CA GLY C 309 -37.06 13.19 -22.68
C GLY C 309 -36.02 14.09 -22.05
N CYS C 310 -35.65 13.84 -20.81
CA CYS C 310 -34.76 14.73 -20.11
C CYS C 310 -33.30 14.35 -20.37
N GLY C 311 -32.49 15.35 -20.59
CA GLY C 311 -31.08 15.16 -20.78
C GLY C 311 -30.36 15.21 -19.45
N HIS C 312 -29.11 15.68 -19.51
CA HIS C 312 -28.18 15.64 -18.38
C HIS C 312 -28.48 16.71 -17.33
N TRP C 313 -28.84 17.92 -17.74
CA TRP C 313 -28.96 19.09 -16.85
C TRP C 313 -30.32 19.12 -16.15
N ILE C 314 -30.56 18.06 -15.35
CA ILE C 314 -31.92 17.70 -14.92
C ILE C 314 -32.60 18.83 -14.13
N GLN C 315 -31.89 19.47 -13.19
CA GLN C 315 -32.61 20.44 -12.38
C GLN C 315 -32.83 21.76 -13.13
N GLN C 316 -32.28 21.88 -14.34
CA GLN C 316 -32.55 23.01 -15.22
C GLN C 316 -33.43 22.64 -16.41
N GLU C 317 -33.34 21.42 -16.93
CA GLU C 317 -34.24 21.01 -18.01
C GLU C 317 -35.64 20.69 -17.49
N ARG C 318 -35.74 20.17 -16.27
CA ARG C 318 -37.04 19.88 -15.66
C ARG C 318 -37.14 20.59 -14.31
N PRO C 319 -37.08 21.92 -14.30
CA PRO C 319 -37.01 22.63 -13.01
C PRO C 319 -38.21 22.38 -12.11
N ASP C 320 -39.43 22.43 -12.64
CA ASP C 320 -40.59 22.27 -11.78
C ASP C 320 -40.74 20.81 -11.33
N GLU C 321 -40.46 19.87 -12.22
CA GLU C 321 -40.57 18.46 -11.82
C GLU C 321 -39.54 18.11 -10.75
N VAL C 322 -38.32 18.64 -10.87
CA VAL C 322 -37.32 18.39 -9.84
C VAL C 322 -37.74 19.05 -8.53
N ASN C 323 -38.23 20.30 -8.59
CA ASN C 323 -38.69 20.97 -7.39
C ASN C 323 -39.78 20.16 -6.69
N ARG C 324 -40.77 19.71 -7.46
CA ARG C 324 -41.86 18.94 -6.89
C ARG C 324 -41.35 17.68 -6.20
N LEU C 325 -40.48 16.93 -6.88
CA LEU C 325 -40.03 15.67 -6.31
C LEU C 325 -39.21 15.91 -5.05
N LEU C 326 -38.32 16.90 -5.08
CA LEU C 326 -37.49 17.21 -3.92
C LEU C 326 -38.33 17.63 -2.72
N THR C 327 -39.20 18.64 -2.90
CA THR C 327 -39.93 19.14 -1.75
C THR C 327 -40.91 18.09 -1.24
N GLN C 328 -41.53 17.35 -2.15
CA GLN C 328 -42.42 16.26 -1.75
C GLN C 328 -41.66 15.20 -0.97
N TRP C 329 -40.46 14.86 -1.44
CA TRP C 329 -39.62 13.91 -0.73
C TRP C 329 -39.23 14.47 0.63
N LEU C 330 -38.76 15.71 0.66
CA LEU C 330 -38.34 16.34 1.91
C LEU C 330 -39.48 16.40 2.91
N ASP C 331 -40.63 16.90 2.46
CA ASP C 331 -41.80 16.96 3.33
C ASP C 331 -42.15 15.58 3.86
N GLY C 332 -42.01 14.55 3.00
CA GLY C 332 -42.28 13.19 3.42
C GLY C 332 -41.38 12.71 4.56
N LEU C 333 -40.11 13.10 4.54
CA LEU C 333 -39.18 12.60 5.55
C LEU C 333 -39.58 13.06 6.95
N ARG C 334 -39.86 14.36 7.11
CA ARG C 334 -40.24 14.93 8.41
C ARG C 334 -41.75 14.93 8.60
N ASN C 335 -42.38 13.76 8.48
CA ASN C 335 -43.84 13.70 8.63
C ASN C 335 -44.30 12.44 9.35
#